data_1POJ
#
_entry.id   1POJ
#
_cell.length_a   119.137
_cell.length_b   119.137
_cell.length_c   138.152
_cell.angle_alpha   90.00
_cell.angle_beta   90.00
_cell.angle_gamma   90.00
#
_symmetry.space_group_name_H-M   'P 4 21 2'
#
loop_
_entity.id
_entity.type
_entity.pdbx_description
1 polymer 'Isoaspartyl dipeptidase'
2 non-polymer 'ZINC ION'
3 non-polymer '2-{[[(1S)-1-AMINO-2-CARBOXYETHYL](DIHYDROXY)PHOSPHORANYL]METHYL}-4-METHYLPENTANOIC ACID'
4 water water
#
_entity_poly.entity_id   1
_entity_poly.type   'polypeptide(L)'
_entity_poly.pdbx_seq_one_letter_code
;MIDYTAAGFTLLQGAHLYAPEDRGICDVLVANGKIIAVASNIPSDIVPNCTVVDLSGQILCPGFIDQHVHLIGGGGEAGP
TTRTPEVALSRLTEAGVTSVVGLLGTDSISRHPESLLAKTRALNEEGISAWMLTGAYHVPSRTITGSVEKDVAIIDRVIG
V(KCX)CAISDHRSAAPDVYHLANMAAESRVGGLLGGKPGVTVFHMGDSKKALQPIYDLLENCDVPISKLLPTHVNRNVP
LFEQALEFARKGGTIDITSSIDEPVAPAEGIARAVQAGIPLARVTLSSDGNGSQPFFDDEGNLTHIGVAGFETLLETVQV
LVKDYDFSISDALRPLTSSVAGFLNLTGKGEILPGNDADLLVMTPELRIEQVYARGKLMVKDGKACVKGTFETA
;
_entity_poly.pdbx_strand_id   A,B
#
loop_
_chem_comp.id
_chem_comp.type
_chem_comp.name
_chem_comp.formula
AE1 non-polymer '2-{[[(1S)-1-AMINO-2-CARBOXYETHYL](DIHYDROXY)PHOSPHORANYL]METHYL}-4-METHYLPENTANOIC ACID' 'C10 H20 N O6 P'
ZN non-polymer 'ZINC ION' 'Zn 2'
#
# COMPACT_ATOMS: atom_id res chain seq x y z
N MET A 1 -6.44 0.51 4.97
CA MET A 1 -6.65 -0.53 3.91
C MET A 1 -7.95 -1.30 4.14
N ILE A 2 -8.48 -1.20 5.35
CA ILE A 2 -9.75 -1.84 5.74
C ILE A 2 -9.68 -3.36 5.88
N ASP A 3 -10.30 -3.87 6.94
CA ASP A 3 -10.32 -5.31 7.21
C ASP A 3 -11.72 -5.89 7.29
N TYR A 4 -11.98 -6.95 6.52
CA TYR A 4 -13.28 -7.60 6.51
C TYR A 4 -13.21 -9.08 6.91
N THR A 5 -12.22 -9.43 7.70
CA THR A 5 -12.02 -10.81 8.13
C THR A 5 -13.13 -11.44 8.96
N ALA A 6 -13.66 -10.69 9.91
CA ALA A 6 -14.72 -11.21 10.77
C ALA A 6 -15.83 -11.84 9.96
N ALA A 7 -16.09 -11.28 8.78
CA ALA A 7 -17.14 -11.80 7.96
C ALA A 7 -16.86 -13.23 7.53
N GLY A 8 -15.58 -13.57 7.42
CA GLY A 8 -15.18 -14.90 7.02
C GLY A 8 -15.80 -15.38 5.71
N PHE A 9 -15.65 -14.58 4.66
CA PHE A 9 -16.23 -14.95 3.37
C PHE A 9 -15.65 -16.19 2.71
N THR A 10 -16.50 -16.95 2.03
CA THR A 10 -16.05 -18.16 1.37
C THR A 10 -16.81 -18.47 0.09
N LEU A 11 -16.08 -18.52 -1.03
CA LEU A 11 -16.66 -18.78 -2.34
C LEU A 11 -16.33 -20.20 -2.76
N LEU A 12 -17.30 -21.11 -2.64
CA LEU A 12 -17.13 -22.51 -3.02
C LEU A 12 -17.67 -22.66 -4.43
N GLN A 13 -16.79 -22.72 -5.43
CA GLN A 13 -17.26 -22.78 -6.82
C GLN A 13 -16.99 -23.98 -7.71
N GLY A 14 -17.69 -24.00 -8.83
CA GLY A 14 -17.55 -25.05 -9.82
C GLY A 14 -17.86 -26.47 -9.43
N ALA A 15 -18.68 -26.67 -8.41
CA ALA A 15 -19.02 -28.01 -7.97
C ALA A 15 -20.40 -28.44 -8.46
N HIS A 16 -20.61 -29.74 -8.62
CA HIS A 16 -21.91 -30.22 -9.06
C HIS A 16 -22.74 -30.27 -7.79
N LEU A 17 -23.64 -29.32 -7.65
CA LEU A 17 -24.48 -29.20 -6.48
C LEU A 17 -25.70 -30.10 -6.45
N TYR A 18 -25.93 -30.68 -5.27
CA TYR A 18 -27.09 -31.54 -4.98
C TYR A 18 -27.53 -30.92 -3.66
N ALA A 19 -28.60 -30.12 -3.69
CA ALA A 19 -29.02 -29.42 -2.48
C ALA A 19 -30.03 -29.95 -1.47
N PRO A 20 -30.47 -31.20 -1.57
CA PRO A 20 -30.23 -32.37 -2.41
C PRO A 20 -30.66 -32.30 -3.88
N GLU A 21 -31.66 -31.48 -4.20
CA GLU A 21 -32.09 -31.38 -5.59
C GLU A 21 -30.87 -31.25 -6.49
N ASP A 22 -30.89 -31.95 -7.61
CA ASP A 22 -29.80 -31.85 -8.56
C ASP A 22 -29.88 -30.43 -9.09
N ARG A 23 -28.93 -29.57 -8.70
CA ARG A 23 -28.94 -28.18 -9.15
C ARG A 23 -27.85 -27.89 -10.18
N GLY A 24 -27.35 -28.96 -10.81
CA GLY A 24 -26.31 -28.79 -11.81
C GLY A 24 -25.07 -28.12 -11.26
N ILE A 25 -24.14 -27.75 -12.13
CA ILE A 25 -22.93 -27.08 -11.69
C ILE A 25 -23.22 -25.62 -11.32
N CYS A 26 -22.96 -25.24 -10.08
CA CYS A 26 -23.15 -23.85 -9.68
C CYS A 26 -22.40 -23.56 -8.38
N ASP A 27 -22.22 -22.27 -8.04
CA ASP A 27 -21.47 -21.92 -6.84
C ASP A 27 -22.31 -21.68 -5.60
N VAL A 28 -21.63 -21.48 -4.47
CA VAL A 28 -22.24 -21.23 -3.16
C VAL A 28 -21.39 -20.22 -2.39
N LEU A 29 -21.94 -19.05 -2.10
CA LEU A 29 -21.19 -18.04 -1.35
C LEU A 29 -21.57 -18.18 0.12
N VAL A 30 -20.56 -18.33 0.97
CA VAL A 30 -20.79 -18.49 2.39
C VAL A 30 -20.16 -17.36 3.19
N ALA A 31 -20.95 -16.76 4.06
CA ALA A 31 -20.46 -15.69 4.91
C ALA A 31 -21.11 -15.83 6.28
N ASN A 32 -20.34 -15.61 7.35
CA ASN A 32 -20.85 -15.72 8.72
C ASN A 32 -21.49 -17.08 9.02
N GLY A 33 -20.92 -18.12 8.44
CA GLY A 33 -21.43 -19.46 8.64
C GLY A 33 -22.81 -19.66 8.04
N LYS A 34 -23.17 -18.78 7.12
CA LYS A 34 -24.46 -18.88 6.48
C LYS A 34 -24.31 -18.89 4.98
N ILE A 35 -25.24 -19.55 4.32
CA ILE A 35 -25.23 -19.62 2.87
C ILE A 35 -25.90 -18.33 2.47
N ILE A 36 -25.20 -17.43 1.81
CA ILE A 36 -25.84 -16.17 1.43
C ILE A 36 -26.14 -16.07 -0.05
N ALA A 37 -25.73 -17.07 -0.82
CA ALA A 37 -25.98 -17.01 -2.25
C ALA A 37 -25.71 -18.31 -3.01
N VAL A 38 -26.67 -18.72 -3.83
CA VAL A 38 -26.53 -19.91 -4.65
C VAL A 38 -26.99 -19.70 -6.09
N ALA A 39 -26.04 -19.66 -7.00
CA ALA A 39 -26.31 -19.47 -8.42
C ALA A 39 -25.04 -19.91 -9.10
N SER A 40 -25.00 -19.87 -10.43
CA SER A 40 -23.78 -20.29 -11.12
C SER A 40 -22.99 -19.12 -11.64
N ASN A 41 -21.72 -19.07 -11.27
CA ASN A 41 -20.79 -18.03 -11.70
C ASN A 41 -20.79 -16.80 -10.83
N ILE A 42 -20.74 -16.99 -9.53
CA ILE A 42 -20.68 -15.86 -8.62
C ILE A 42 -19.28 -15.27 -8.79
N PRO A 43 -19.19 -13.98 -9.12
CA PRO A 43 -17.88 -13.33 -9.29
C PRO A 43 -16.89 -13.50 -8.14
N SER A 44 -15.74 -14.06 -8.47
CA SER A 44 -14.67 -14.31 -7.52
C SER A 44 -14.30 -13.10 -6.68
N ASP A 45 -14.69 -11.92 -7.14
CA ASP A 45 -14.35 -10.69 -6.44
C ASP A 45 -15.57 -9.92 -5.94
N ILE A 46 -16.73 -10.56 -5.96
CA ILE A 46 -17.94 -9.90 -5.51
C ILE A 46 -17.83 -9.28 -4.12
N VAL A 47 -16.97 -9.86 -3.28
CA VAL A 47 -16.75 -9.39 -1.91
C VAL A 47 -15.29 -9.43 -1.50
N PRO A 48 -14.89 -8.58 -0.54
CA PRO A 48 -13.51 -8.54 -0.07
C PRO A 48 -13.07 -9.72 0.80
N ASN A 49 -11.75 -9.90 0.89
CA ASN A 49 -11.17 -10.95 1.72
C ASN A 49 -11.86 -12.29 1.58
N CYS A 50 -12.45 -12.53 0.41
CA CYS A 50 -13.15 -13.80 0.17
C CYS A 50 -12.17 -14.93 -0.07
N THR A 51 -12.52 -16.13 0.38
CA THR A 51 -11.65 -17.27 0.16
C THR A 51 -12.31 -18.20 -0.85
N VAL A 52 -11.66 -18.41 -1.98
CA VAL A 52 -12.22 -19.26 -3.01
C VAL A 52 -11.64 -20.66 -2.98
N VAL A 53 -12.53 -21.64 -3.07
CA VAL A 53 -12.14 -23.04 -3.08
C VAL A 53 -12.48 -23.62 -4.46
N ASP A 54 -11.44 -24.02 -5.19
CA ASP A 54 -11.62 -24.58 -6.52
C ASP A 54 -12.14 -26.01 -6.40
N LEU A 55 -13.44 -26.12 -6.22
CA LEU A 55 -14.06 -27.42 -6.07
C LEU A 55 -14.45 -28.02 -7.41
N SER A 56 -14.00 -27.41 -8.49
CA SER A 56 -14.31 -27.90 -9.82
C SER A 56 -13.99 -29.39 -9.96
N GLY A 57 -15.00 -30.18 -10.31
CA GLY A 57 -14.80 -31.60 -10.47
C GLY A 57 -15.36 -32.44 -9.35
N GLN A 58 -15.54 -31.84 -8.17
CA GLN A 58 -16.09 -32.52 -7.02
C GLN A 58 -17.59 -32.27 -6.91
N ILE A 59 -18.22 -32.95 -5.96
CA ILE A 59 -19.66 -32.82 -5.70
C ILE A 59 -19.84 -32.16 -4.37
N LEU A 60 -20.88 -31.34 -4.26
CA LEU A 60 -21.16 -30.64 -3.03
C LEU A 60 -22.58 -30.97 -2.61
N CYS A 61 -22.79 -31.27 -1.34
CA CYS A 61 -24.14 -31.57 -0.84
C CYS A 61 -24.26 -31.29 0.66
N PRO A 62 -25.49 -31.26 1.19
CA PRO A 62 -25.66 -30.98 2.62
C PRO A 62 -25.06 -32.01 3.56
N GLY A 63 -24.60 -31.54 4.72
CA GLY A 63 -24.02 -32.44 5.69
C GLY A 63 -25.11 -33.38 6.18
N PHE A 64 -24.72 -34.40 6.94
CA PHE A 64 -25.66 -35.38 7.46
C PHE A 64 -26.29 -35.00 8.79
N ILE A 65 -27.51 -35.49 9.00
CA ILE A 65 -28.22 -35.25 10.25
C ILE A 65 -28.43 -36.66 10.81
N ASP A 66 -27.69 -37.00 11.86
CA ASP A 66 -27.80 -38.30 12.48
C ASP A 66 -28.67 -38.12 13.70
N GLN A 67 -29.92 -38.57 13.62
CA GLN A 67 -30.84 -38.40 14.74
C GLN A 67 -30.87 -39.61 15.67
N HIS A 68 -29.72 -40.21 15.92
CA HIS A 68 -29.69 -41.36 16.80
C HIS A 68 -28.26 -41.71 17.18
N VAL A 69 -27.67 -40.93 18.07
CA VAL A 69 -26.31 -41.21 18.49
C VAL A 69 -26.16 -41.11 20.01
N HIS A 70 -25.52 -42.12 20.59
CA HIS A 70 -25.28 -42.21 22.02
C HIS A 70 -24.10 -41.34 22.44
N LEU A 71 -24.17 -40.05 22.11
CA LEU A 71 -23.11 -39.11 22.41
C LEU A 71 -22.24 -39.35 23.63
N ILE A 72 -22.83 -39.73 24.76
CA ILE A 72 -22.03 -39.94 25.97
C ILE A 72 -21.63 -41.38 26.19
N GLY A 73 -22.19 -42.27 25.40
CA GLY A 73 -21.86 -43.66 25.55
C GLY A 73 -23.12 -44.49 25.76
N GLY A 74 -22.94 -45.80 25.71
CA GLY A 74 -24.06 -46.70 25.88
C GLY A 74 -23.61 -48.08 26.27
N GLY A 75 -24.41 -49.09 25.91
CA GLY A 75 -24.07 -50.46 26.23
C GLY A 75 -24.33 -50.70 27.70
N GLY A 76 -23.73 -51.76 28.24
CA GLY A 76 -23.93 -52.08 29.65
C GLY A 76 -24.71 -53.37 29.82
N GLU A 77 -25.27 -53.88 28.72
CA GLU A 77 -26.06 -55.11 28.72
C GLU A 77 -25.33 -56.32 29.27
N ALA A 78 -24.00 -56.31 29.20
CA ALA A 78 -23.25 -57.44 29.70
C ALA A 78 -22.27 -57.03 30.78
N GLY A 79 -22.75 -56.29 31.76
CA GLY A 79 -21.86 -55.88 32.82
C GLY A 79 -21.33 -54.48 32.60
N PRO A 80 -20.56 -53.93 33.54
CA PRO A 80 -20.00 -52.57 33.43
C PRO A 80 -18.89 -52.47 32.40
N THR A 81 -18.34 -53.61 32.02
CA THR A 81 -17.26 -53.66 31.05
C THR A 81 -17.73 -53.38 29.63
N THR A 82 -19.05 -53.43 29.43
CA THR A 82 -19.59 -53.18 28.10
C THR A 82 -20.22 -51.78 27.98
N ARG A 83 -19.63 -50.81 28.67
CA ARG A 83 -20.08 -49.43 28.63
C ARG A 83 -19.27 -48.66 27.59
N THR A 84 -19.77 -48.62 26.35
CA THR A 84 -19.11 -47.91 25.27
C THR A 84 -18.75 -46.49 25.67
N PRO A 85 -17.64 -45.97 25.14
CA PRO A 85 -17.22 -44.61 25.48
C PRO A 85 -18.07 -43.54 24.80
N GLU A 86 -17.64 -42.30 24.91
CA GLU A 86 -18.36 -41.19 24.30
C GLU A 86 -17.81 -40.99 22.91
N VAL A 87 -18.54 -40.26 22.06
CA VAL A 87 -18.06 -40.03 20.71
C VAL A 87 -17.16 -38.81 20.66
N ALA A 88 -16.21 -38.85 19.74
CA ALA A 88 -15.24 -37.77 19.53
C ALA A 88 -15.70 -36.91 18.35
N LEU A 89 -15.61 -35.60 18.53
CA LEU A 89 -16.03 -34.71 17.49
C LEU A 89 -15.56 -35.22 16.13
N SER A 90 -14.29 -35.57 16.04
CA SER A 90 -13.70 -36.04 14.80
C SER A 90 -14.44 -37.17 14.11
N ARG A 91 -14.61 -38.31 14.75
CA ARG A 91 -15.29 -39.38 14.05
C ARG A 91 -16.70 -39.06 13.60
N LEU A 92 -17.18 -37.85 13.88
CA LEU A 92 -18.51 -37.45 13.44
C LEU A 92 -18.33 -36.70 12.15
N THR A 93 -17.63 -35.57 12.22
CA THR A 93 -17.41 -34.76 11.03
C THR A 93 -16.75 -35.59 9.96
N GLU A 94 -15.74 -36.36 10.37
CA GLU A 94 -14.99 -37.20 9.47
C GLU A 94 -15.89 -38.23 8.80
N ALA A 95 -17.13 -38.33 9.28
CA ALA A 95 -18.11 -39.28 8.78
C ALA A 95 -19.23 -38.59 8.00
N GLY A 96 -19.11 -37.28 7.86
CA GLY A 96 -20.10 -36.51 7.14
C GLY A 96 -21.24 -36.02 7.99
N VAL A 97 -21.20 -36.28 9.28
CA VAL A 97 -22.26 -35.83 10.16
C VAL A 97 -21.96 -34.45 10.69
N THR A 98 -22.93 -33.54 10.53
CA THR A 98 -22.78 -32.17 10.96
C THR A 98 -23.82 -31.81 12.01
N SER A 99 -24.92 -32.54 11.98
CA SER A 99 -26.00 -32.33 12.93
C SER A 99 -26.29 -33.68 13.53
N VAL A 100 -26.47 -33.71 14.83
CA VAL A 100 -26.74 -34.95 15.52
C VAL A 100 -27.66 -34.78 16.72
N VAL A 101 -28.54 -35.77 16.89
CA VAL A 101 -29.49 -35.80 17.99
C VAL A 101 -29.08 -36.98 18.86
N GLY A 102 -28.72 -36.70 20.10
CA GLY A 102 -28.29 -37.76 21.00
C GLY A 102 -29.36 -38.26 21.95
N LEU A 103 -29.24 -39.52 22.36
CA LEU A 103 -30.17 -40.13 23.29
C LEU A 103 -29.45 -41.12 24.24
N LEU A 104 -30.18 -41.67 25.20
CA LEU A 104 -29.60 -42.65 26.11
C LEU A 104 -30.18 -43.99 25.69
N GLY A 105 -29.85 -45.04 26.40
CA GLY A 105 -30.40 -46.32 26.01
C GLY A 105 -30.90 -47.13 27.20
N THR A 106 -30.53 -48.40 27.19
CA THR A 106 -30.90 -49.32 28.23
C THR A 106 -30.52 -48.77 29.62
N ASP A 107 -29.24 -48.42 29.78
CA ASP A 107 -28.69 -47.90 31.05
C ASP A 107 -29.08 -46.47 31.40
N SER A 108 -29.85 -46.32 32.48
CA SER A 108 -30.31 -45.01 32.95
C SER A 108 -29.91 -44.91 34.41
N ILE A 109 -29.10 -45.86 34.84
CA ILE A 109 -28.63 -45.89 36.22
C ILE A 109 -27.25 -45.27 36.29
N SER A 110 -26.40 -45.67 35.35
CA SER A 110 -25.03 -45.14 35.32
C SER A 110 -24.81 -44.22 34.13
N ARG A 111 -25.89 -43.63 33.64
CA ARG A 111 -25.89 -42.70 32.51
C ARG A 111 -27.05 -41.75 32.80
N HIS A 112 -26.80 -40.46 32.94
CA HIS A 112 -27.88 -39.51 33.22
C HIS A 112 -28.08 -38.49 32.12
N PRO A 113 -29.30 -38.00 31.92
CA PRO A 113 -29.50 -37.02 30.86
C PRO A 113 -28.72 -35.72 31.08
N GLU A 114 -28.41 -35.44 32.34
CA GLU A 114 -27.68 -34.23 32.69
C GLU A 114 -26.29 -34.21 32.09
N SER A 115 -25.70 -35.38 31.88
CA SER A 115 -24.37 -35.43 31.32
C SER A 115 -24.46 -35.63 29.80
N LEU A 116 -25.68 -35.81 29.27
CA LEU A 116 -25.83 -35.95 27.83
C LEU A 116 -26.03 -34.53 27.32
N LEU A 117 -26.74 -33.72 28.11
CA LEU A 117 -27.00 -32.33 27.77
C LEU A 117 -25.67 -31.62 27.70
N ALA A 118 -24.76 -32.01 28.58
CA ALA A 118 -23.44 -31.41 28.63
C ALA A 118 -22.69 -31.62 27.33
N LYS A 119 -22.46 -32.89 26.99
CA LYS A 119 -21.75 -33.26 25.76
C LYS A 119 -22.41 -32.58 24.58
N THR A 120 -23.74 -32.54 24.62
CA THR A 120 -24.50 -31.92 23.56
C THR A 120 -24.06 -30.49 23.42
N ARG A 121 -23.99 -29.77 24.54
CA ARG A 121 -23.57 -28.38 24.47
C ARG A 121 -22.11 -28.30 24.10
N ALA A 122 -21.32 -29.27 24.51
CA ALA A 122 -19.91 -29.24 24.18
C ALA A 122 -19.78 -29.34 22.68
N LEU A 123 -20.33 -30.40 22.11
CA LEU A 123 -20.30 -30.63 20.67
C LEU A 123 -20.74 -29.42 19.87
N ASN A 124 -21.55 -28.56 20.48
CA ASN A 124 -22.00 -27.33 19.82
C ASN A 124 -20.83 -26.39 19.79
N GLU A 125 -20.32 -26.07 20.97
CA GLU A 125 -19.18 -25.18 21.10
C GLU A 125 -18.06 -25.52 20.14
N GLU A 126 -17.71 -26.80 20.09
CA GLU A 126 -16.62 -27.25 19.24
C GLU A 126 -16.88 -27.19 17.74
N GLY A 127 -18.10 -26.89 17.33
CA GLY A 127 -18.33 -26.83 15.90
C GLY A 127 -19.66 -27.29 15.34
N ILE A 128 -19.93 -28.59 15.38
CA ILE A 128 -21.18 -29.10 14.84
C ILE A 128 -22.42 -28.61 15.62
N SER A 129 -23.57 -29.14 15.25
CA SER A 129 -24.83 -28.77 15.90
C SER A 129 -25.44 -30.02 16.53
N ALA A 130 -25.81 -29.95 17.80
CA ALA A 130 -26.38 -31.09 18.50
C ALA A 130 -27.66 -30.82 19.29
N TRP A 131 -28.47 -31.85 19.43
CA TRP A 131 -29.73 -31.79 20.14
C TRP A 131 -29.82 -33.11 20.87
N MET A 132 -30.71 -33.22 21.86
CA MET A 132 -30.83 -34.47 22.60
C MET A 132 -32.28 -34.84 22.86
N LEU A 133 -32.50 -36.09 23.25
CA LEU A 133 -33.83 -36.61 23.57
C LEU A 133 -33.83 -36.88 25.08
N THR A 134 -34.90 -36.51 25.78
CA THR A 134 -34.97 -36.73 27.22
C THR A 134 -35.37 -38.18 27.56
N GLY A 135 -34.94 -38.67 28.72
CA GLY A 135 -35.25 -40.03 29.12
C GLY A 135 -34.42 -41.08 28.39
N ALA A 136 -34.89 -42.33 28.42
CA ALA A 136 -34.21 -43.46 27.75
C ALA A 136 -35.20 -44.63 27.59
N TYR A 137 -34.71 -45.85 27.52
CA TYR A 137 -35.58 -47.02 27.38
C TYR A 137 -36.67 -47.05 28.45
N HIS A 138 -36.27 -46.79 29.69
CA HIS A 138 -37.16 -46.83 30.86
C HIS A 138 -38.34 -45.90 30.83
N VAL A 139 -39.51 -46.46 31.10
CA VAL A 139 -40.76 -45.72 31.16
C VAL A 139 -41.39 -46.18 32.46
N PRO A 140 -41.82 -45.23 33.32
CA PRO A 140 -41.78 -43.77 33.18
C PRO A 140 -40.39 -43.23 32.94
N SER A 141 -40.34 -42.21 32.10
CA SER A 141 -39.10 -41.59 31.70
C SER A 141 -38.33 -40.90 32.83
N ARG A 142 -37.02 -41.12 32.85
CA ARG A 142 -36.16 -40.50 33.84
C ARG A 142 -35.65 -39.19 33.22
N THR A 143 -36.26 -38.09 33.64
CA THR A 143 -35.98 -36.75 33.13
C THR A 143 -34.90 -35.93 33.82
N ILE A 144 -34.88 -34.64 33.49
CA ILE A 144 -33.92 -33.73 34.08
C ILE A 144 -34.60 -32.85 35.12
N THR A 145 -35.83 -32.43 34.81
CA THR A 145 -36.61 -31.58 35.71
C THR A 145 -37.72 -32.35 36.45
N GLY A 146 -37.98 -33.58 36.01
CA GLY A 146 -39.00 -34.38 36.64
C GLY A 146 -40.26 -34.52 35.81
N SER A 147 -40.29 -33.89 34.65
CA SER A 147 -41.45 -33.95 33.78
C SER A 147 -41.01 -34.00 32.33
N VAL A 148 -41.50 -34.98 31.57
CA VAL A 148 -41.12 -35.06 30.17
C VAL A 148 -41.56 -33.73 29.59
N GLU A 149 -42.79 -33.35 29.92
CA GLU A 149 -43.34 -32.10 29.43
C GLU A 149 -42.45 -30.90 29.77
N LYS A 150 -42.07 -30.78 31.05
CA LYS A 150 -41.25 -29.67 31.46
C LYS A 150 -39.89 -29.74 30.79
N ASP A 151 -39.32 -30.93 30.67
CA ASP A 151 -38.01 -31.05 30.03
C ASP A 151 -38.02 -30.49 28.62
N VAL A 152 -38.93 -31.00 27.79
CA VAL A 152 -39.03 -30.58 26.40
C VAL A 152 -39.34 -29.08 26.28
N ALA A 153 -40.17 -28.59 27.18
CA ALA A 153 -40.56 -27.19 27.16
C ALA A 153 -39.42 -26.25 27.53
N ILE A 154 -38.69 -26.51 28.61
CA ILE A 154 -37.64 -25.59 29.01
C ILE A 154 -36.14 -25.84 28.74
N ILE A 155 -35.67 -27.08 28.69
CA ILE A 155 -34.24 -27.29 28.40
C ILE A 155 -34.05 -27.15 26.89
N ASP A 156 -33.39 -26.07 26.47
CA ASP A 156 -33.19 -25.76 25.07
C ASP A 156 -32.77 -26.82 24.09
N ARG A 157 -31.89 -27.73 24.50
CA ARG A 157 -31.43 -28.77 23.57
C ARG A 157 -32.29 -30.03 23.51
N VAL A 158 -33.36 -30.07 24.30
CA VAL A 158 -34.24 -31.23 24.30
C VAL A 158 -35.39 -31.02 23.32
N ILE A 159 -35.45 -31.88 22.31
CA ILE A 159 -36.47 -31.79 21.28
C ILE A 159 -37.52 -32.88 21.34
N GLY A 160 -37.33 -33.87 22.19
CA GLY A 160 -38.31 -34.94 22.27
C GLY A 160 -37.99 -35.89 23.40
N VAL A 161 -38.60 -37.06 23.38
CA VAL A 161 -38.37 -38.05 24.43
C VAL A 161 -38.14 -39.38 23.77
N KCX A 162 -37.44 -40.27 24.46
CA KCX A 162 -37.20 -41.59 23.90
CB KCX A 162 -35.72 -41.82 23.65
CG KCX A 162 -35.46 -43.12 22.94
CD KCX A 162 -34.08 -43.66 23.20
CE KCX A 162 -33.91 -44.98 22.49
NZ KCX A 162 -32.61 -45.60 22.74
C KCX A 162 -37.68 -42.64 24.86
O KCX A 162 -37.68 -42.43 26.07
CX KCX A 162 -31.95 -46.32 21.84
OQ1 KCX A 162 -30.83 -46.82 22.11
OQ2 KCX A 162 -32.42 -46.48 20.69
N CYS A 163 -38.11 -43.78 24.33
CA CYS A 163 -38.57 -44.87 25.16
C CYS A 163 -38.27 -46.14 24.42
N ALA A 164 -38.61 -47.26 25.03
CA ALA A 164 -38.36 -48.54 24.41
C ALA A 164 -39.57 -49.44 24.59
N ILE A 165 -40.00 -50.09 23.52
CA ILE A 165 -41.14 -51.00 23.61
C ILE A 165 -40.89 -52.26 22.79
N SER A 166 -41.57 -53.35 23.13
CA SER A 166 -41.44 -54.60 22.42
C SER A 166 -40.01 -55.11 22.40
N ASP A 167 -39.39 -55.10 23.56
CA ASP A 167 -38.02 -55.56 23.73
C ASP A 167 -37.89 -56.06 25.15
N HIS A 168 -37.06 -57.07 25.36
CA HIS A 168 -36.85 -57.64 26.70
C HIS A 168 -35.95 -56.78 27.58
N ARG A 169 -36.01 -55.46 27.40
CA ARG A 169 -35.21 -54.51 28.20
C ARG A 169 -36.13 -53.33 28.47
N SER A 170 -37.39 -53.49 28.10
CA SER A 170 -38.37 -52.47 28.30
C SER A 170 -38.74 -52.59 29.76
N ALA A 171 -39.36 -51.55 30.30
CA ALA A 171 -39.77 -51.59 31.70
C ALA A 171 -41.20 -52.13 31.74
N ALA A 172 -41.62 -52.74 30.65
CA ALA A 172 -42.97 -53.29 30.54
C ALA A 172 -44.02 -52.21 30.71
N PRO A 173 -43.86 -51.05 30.04
CA PRO A 173 -44.86 -49.99 30.18
C PRO A 173 -46.21 -50.41 29.62
N ASP A 174 -47.25 -49.71 30.05
CA ASP A 174 -48.60 -49.99 29.61
C ASP A 174 -49.09 -48.87 28.70
N VAL A 175 -50.25 -49.08 28.09
CA VAL A 175 -50.84 -48.09 27.20
C VAL A 175 -50.88 -46.70 27.83
N TYR A 176 -51.39 -46.58 29.05
CA TYR A 176 -51.46 -45.27 29.68
C TYR A 176 -50.12 -44.56 29.77
N HIS A 177 -49.21 -45.10 30.58
CA HIS A 177 -47.87 -44.53 30.78
C HIS A 177 -47.18 -44.13 29.50
N LEU A 178 -47.41 -44.93 28.47
CA LEU A 178 -46.83 -44.70 27.16
C LEU A 178 -47.50 -43.48 26.54
N ALA A 179 -48.82 -43.46 26.59
CA ALA A 179 -49.61 -42.38 26.03
C ALA A 179 -49.38 -41.08 26.75
N ASN A 180 -49.37 -41.11 28.07
CA ASN A 180 -49.13 -39.91 28.85
C ASN A 180 -47.81 -39.30 28.42
N MET A 181 -46.76 -40.11 28.47
CA MET A 181 -45.44 -39.66 28.09
C MET A 181 -45.51 -38.99 26.72
N ALA A 182 -45.97 -39.72 25.72
CA ALA A 182 -46.08 -39.22 24.35
C ALA A 182 -46.72 -37.86 24.25
N ALA A 183 -47.72 -37.62 25.09
CA ALA A 183 -48.42 -36.34 25.05
C ALA A 183 -47.66 -35.20 25.72
N GLU A 184 -46.96 -35.49 26.82
CA GLU A 184 -46.21 -34.46 27.50
C GLU A 184 -45.16 -33.88 26.55
N SER A 185 -44.52 -34.75 25.79
CA SER A 185 -43.51 -34.32 24.85
C SER A 185 -44.11 -33.46 23.74
N ARG A 186 -45.33 -33.77 23.31
CA ARG A 186 -45.95 -33.00 22.22
C ARG A 186 -46.23 -31.58 22.64
N VAL A 187 -46.86 -31.44 23.80
CA VAL A 187 -47.20 -30.14 24.36
C VAL A 187 -45.92 -29.39 24.72
N GLY A 188 -44.96 -30.15 25.26
CA GLY A 188 -43.69 -29.57 25.63
C GLY A 188 -43.15 -28.93 24.39
N GLY A 189 -43.18 -29.68 23.31
CA GLY A 189 -42.69 -29.17 22.04
C GLY A 189 -43.44 -27.92 21.63
N LEU A 190 -44.75 -27.92 21.84
CA LEU A 190 -45.59 -26.77 21.48
C LEU A 190 -45.17 -25.53 22.23
N LEU A 191 -44.91 -25.68 23.52
CA LEU A 191 -44.51 -24.56 24.34
C LEU A 191 -43.09 -24.07 24.07
N GLY A 192 -42.16 -25.00 23.93
CA GLY A 192 -40.77 -24.61 23.72
C GLY A 192 -40.30 -24.39 22.28
N GLY A 193 -41.11 -24.79 21.32
CA GLY A 193 -40.71 -24.61 19.93
C GLY A 193 -39.91 -25.78 19.43
N LYS A 194 -40.03 -26.90 20.11
CA LYS A 194 -39.31 -28.11 19.73
C LYS A 194 -40.27 -28.97 18.91
N PRO A 195 -39.77 -30.03 18.28
CA PRO A 195 -40.60 -30.92 17.46
C PRO A 195 -41.59 -31.68 18.33
N GLY A 196 -41.16 -32.09 19.51
CA GLY A 196 -42.02 -32.81 20.44
C GLY A 196 -42.20 -34.26 20.07
N VAL A 197 -41.18 -34.83 19.46
CA VAL A 197 -41.21 -36.21 19.02
C VAL A 197 -41.02 -37.24 20.11
N THR A 198 -41.48 -38.46 19.84
CA THR A 198 -41.35 -39.60 20.74
C THR A 198 -40.71 -40.71 19.93
N VAL A 199 -39.43 -40.96 20.14
CA VAL A 199 -38.74 -42.01 19.41
C VAL A 199 -38.95 -43.31 20.15
N PHE A 200 -39.31 -44.37 19.43
CA PHE A 200 -39.54 -45.68 20.05
C PHE A 200 -38.50 -46.71 19.63
N HIS A 201 -37.71 -47.20 20.59
CA HIS A 201 -36.73 -48.23 20.31
C HIS A 201 -37.59 -49.45 20.08
N MET A 202 -37.31 -50.17 19.01
CA MET A 202 -38.08 -51.36 18.70
C MET A 202 -37.29 -52.60 19.07
N GLY A 203 -38.00 -53.71 19.29
CA GLY A 203 -37.37 -54.96 19.63
C GLY A 203 -37.86 -56.15 18.80
N ASP A 204 -37.17 -57.29 18.92
CA ASP A 204 -37.55 -58.47 18.18
C ASP A 204 -38.79 -59.14 18.75
N SER A 205 -39.55 -58.42 19.57
CA SER A 205 -40.76 -58.95 20.18
C SER A 205 -41.84 -59.27 19.17
N LYS A 206 -42.53 -60.37 19.36
CA LYS A 206 -43.59 -60.78 18.44
C LYS A 206 -44.64 -59.68 18.29
N LYS A 207 -44.95 -59.00 19.39
CA LYS A 207 -45.95 -57.94 19.40
C LYS A 207 -45.69 -56.81 18.39
N ALA A 208 -44.45 -56.68 17.96
CA ALA A 208 -44.10 -55.66 16.98
C ALA A 208 -44.57 -54.24 17.32
N LEU A 209 -45.26 -53.58 16.38
CA LEU A 209 -45.75 -52.21 16.55
C LEU A 209 -47.07 -52.05 17.33
N GLN A 210 -47.63 -53.16 17.79
CA GLN A 210 -48.89 -53.12 18.50
C GLN A 210 -49.06 -51.95 19.49
N PRO A 211 -48.07 -51.73 20.39
CA PRO A 211 -48.15 -50.63 21.37
C PRO A 211 -48.45 -49.27 20.75
N ILE A 212 -47.88 -49.00 19.58
CA ILE A 212 -48.10 -47.74 18.90
C ILE A 212 -49.57 -47.64 18.50
N TYR A 213 -50.01 -48.59 17.70
CA TYR A 213 -51.40 -48.64 17.22
C TYR A 213 -52.33 -48.48 18.41
N ASP A 214 -51.99 -49.13 19.53
CA ASP A 214 -52.79 -49.03 20.73
C ASP A 214 -52.77 -47.61 21.29
N LEU A 215 -51.58 -47.03 21.37
CA LEU A 215 -51.41 -45.67 21.87
C LEU A 215 -52.19 -44.66 21.03
N LEU A 216 -52.28 -44.89 19.72
CA LEU A 216 -53.02 -43.99 18.85
C LEU A 216 -54.50 -44.01 19.23
N GLU A 217 -54.98 -45.20 19.61
CA GLU A 217 -56.38 -45.36 19.98
C GLU A 217 -56.67 -44.83 21.39
N ASN A 218 -55.64 -44.64 22.20
CA ASN A 218 -55.83 -44.14 23.55
C ASN A 218 -55.54 -42.66 23.76
N CYS A 219 -55.24 -41.93 22.69
CA CYS A 219 -54.98 -40.50 22.82
C CYS A 219 -55.22 -39.72 21.53
N ASP A 220 -54.66 -38.53 21.43
CA ASP A 220 -54.86 -37.73 20.24
C ASP A 220 -53.59 -37.12 19.71
N VAL A 221 -52.47 -37.73 20.06
CA VAL A 221 -51.18 -37.25 19.59
C VAL A 221 -51.08 -37.56 18.10
N PRO A 222 -50.64 -36.57 17.30
CA PRO A 222 -50.48 -36.72 15.85
C PRO A 222 -49.51 -37.85 15.52
N ILE A 223 -49.90 -38.74 14.62
CA ILE A 223 -49.05 -39.84 14.23
C ILE A 223 -47.73 -39.32 13.67
N SER A 224 -47.72 -38.05 13.29
CA SER A 224 -46.54 -37.43 12.73
C SER A 224 -45.49 -37.16 13.77
N LYS A 225 -45.77 -37.57 15.00
CA LYS A 225 -44.84 -37.36 16.12
C LYS A 225 -44.29 -38.67 16.69
N LEU A 226 -44.74 -39.79 16.15
CA LEU A 226 -44.31 -41.09 16.64
C LEU A 226 -43.30 -41.75 15.71
N LEU A 227 -42.05 -41.84 16.14
CA LEU A 227 -41.00 -42.42 15.31
C LEU A 227 -40.46 -43.77 15.75
N PRO A 228 -40.75 -44.83 14.98
CA PRO A 228 -40.26 -46.17 15.35
C PRO A 228 -38.86 -46.30 14.74
N THR A 229 -37.84 -46.55 15.55
CA THR A 229 -36.49 -46.69 15.03
C THR A 229 -36.09 -48.16 15.02
N HIS A 230 -34.97 -48.47 14.38
CA HIS A 230 -34.52 -49.85 14.31
C HIS A 230 -35.50 -50.75 13.54
N VAL A 231 -36.46 -50.15 12.86
CA VAL A 231 -37.45 -50.95 12.14
C VAL A 231 -36.92 -52.08 11.27
N ASN A 232 -35.65 -52.05 10.90
CA ASN A 232 -35.13 -53.11 10.03
C ASN A 232 -34.59 -54.33 10.77
N ARG A 233 -34.68 -54.35 12.09
CA ARG A 233 -34.18 -55.45 12.89
C ARG A 233 -34.74 -56.84 12.56
N ASN A 234 -36.02 -56.93 12.20
CA ASN A 234 -36.60 -58.22 11.85
C ASN A 234 -37.72 -58.06 10.83
N VAL A 235 -37.82 -59.03 9.92
CA VAL A 235 -38.78 -59.00 8.82
C VAL A 235 -40.23 -58.68 9.12
N PRO A 236 -40.84 -59.38 10.07
CA PRO A 236 -42.26 -59.10 10.36
C PRO A 236 -42.53 -57.66 10.85
N LEU A 237 -41.51 -57.07 11.49
CA LEU A 237 -41.58 -55.72 12.02
C LEU A 237 -41.45 -54.71 10.88
N PHE A 238 -40.44 -54.91 10.03
CA PHE A 238 -40.21 -54.01 8.91
C PHE A 238 -41.46 -53.88 8.05
N GLU A 239 -42.19 -54.99 7.89
CA GLU A 239 -43.39 -54.96 7.07
C GLU A 239 -44.52 -54.20 7.74
N GLN A 240 -44.54 -54.17 9.07
CA GLN A 240 -45.57 -53.41 9.77
C GLN A 240 -45.15 -51.97 9.73
N ALA A 241 -43.83 -51.75 9.71
CA ALA A 241 -43.29 -50.39 9.68
C ALA A 241 -43.82 -49.68 8.44
N LEU A 242 -43.73 -50.37 7.31
CA LEU A 242 -44.20 -49.84 6.04
C LEU A 242 -45.65 -49.48 6.19
N GLU A 243 -46.43 -50.42 6.69
CA GLU A 243 -47.86 -50.20 6.88
C GLU A 243 -48.10 -48.97 7.78
N PHE A 244 -47.19 -48.73 8.71
CA PHE A 244 -47.28 -47.59 9.63
C PHE A 244 -46.96 -46.33 8.85
N ALA A 245 -46.03 -46.50 7.92
CA ALA A 245 -45.58 -45.41 7.07
C ALA A 245 -46.68 -45.05 6.06
N ARG A 246 -47.41 -46.06 5.62
CA ARG A 246 -48.49 -45.82 4.66
C ARG A 246 -49.61 -45.01 5.32
N LYS A 247 -49.79 -45.16 6.63
CA LYS A 247 -50.84 -44.41 7.32
C LYS A 247 -50.40 -42.98 7.62
N GLY A 248 -49.23 -42.60 7.12
CA GLY A 248 -48.75 -41.25 7.33
C GLY A 248 -47.63 -41.04 8.32
N GLY A 249 -47.03 -42.11 8.81
CA GLY A 249 -45.96 -41.97 9.78
C GLY A 249 -44.58 -42.05 9.18
N THR A 250 -43.58 -41.53 9.89
CA THR A 250 -42.20 -41.56 9.43
C THR A 250 -41.47 -42.69 10.16
N ILE A 251 -40.63 -43.45 9.45
CA ILE A 251 -39.89 -44.54 10.07
C ILE A 251 -38.37 -44.36 9.96
N ASP A 252 -37.69 -44.62 11.07
CA ASP A 252 -36.24 -44.47 11.17
C ASP A 252 -35.55 -45.83 10.96
N ILE A 253 -34.68 -45.91 9.96
CA ILE A 253 -33.96 -47.15 9.67
C ILE A 253 -32.52 -47.04 10.14
N THR A 254 -32.10 -48.00 10.97
CA THR A 254 -30.76 -48.01 11.52
C THR A 254 -29.79 -48.67 10.56
N SER A 255 -28.79 -47.90 10.15
CA SER A 255 -27.78 -48.35 9.19
C SER A 255 -26.69 -49.23 9.78
N SER A 256 -26.81 -49.57 11.05
CA SER A 256 -25.82 -50.39 11.71
C SER A 256 -26.25 -51.86 11.77
N ILE A 257 -27.41 -52.16 11.19
CA ILE A 257 -27.92 -53.54 11.15
C ILE A 257 -27.78 -53.97 9.71
N ASP A 258 -27.07 -55.06 9.44
CA ASP A 258 -26.87 -55.48 8.05
C ASP A 258 -27.76 -56.63 7.57
N GLU A 259 -28.54 -57.19 8.49
CA GLU A 259 -29.46 -58.29 8.19
C GLU A 259 -30.54 -58.28 9.26
N PRO A 260 -31.72 -58.87 9.00
CA PRO A 260 -32.22 -59.58 7.82
C PRO A 260 -32.65 -58.65 6.70
N VAL A 261 -32.71 -57.35 6.98
CA VAL A 261 -33.11 -56.35 6.01
C VAL A 261 -32.06 -55.25 5.96
N ALA A 262 -31.30 -55.16 4.89
CA ALA A 262 -30.25 -54.16 4.80
C ALA A 262 -30.81 -52.75 4.81
N PRO A 263 -29.99 -51.77 5.24
CA PRO A 263 -30.53 -50.40 5.25
C PRO A 263 -30.86 -50.01 3.83
N ALA A 264 -29.90 -50.22 2.92
CA ALA A 264 -30.11 -49.89 1.52
C ALA A 264 -31.36 -50.59 0.99
N GLU A 265 -31.43 -51.89 1.23
CA GLU A 265 -32.55 -52.73 0.81
C GLU A 265 -33.83 -52.16 1.40
N GLY A 266 -33.76 -51.89 2.70
CA GLY A 266 -34.88 -51.34 3.43
C GLY A 266 -35.46 -50.09 2.80
N ILE A 267 -34.62 -49.08 2.59
CA ILE A 267 -35.11 -47.84 2.01
C ILE A 267 -35.78 -48.07 0.66
N ALA A 268 -35.08 -48.73 -0.25
CA ALA A 268 -35.62 -48.99 -1.58
C ALA A 268 -36.98 -49.65 -1.51
N ARG A 269 -37.04 -50.72 -0.71
CA ARG A 269 -38.27 -51.49 -0.55
C ARG A 269 -39.45 -50.62 -0.11
N ALA A 270 -39.16 -49.52 0.57
CA ALA A 270 -40.19 -48.60 1.06
C ALA A 270 -40.70 -47.69 -0.06
N VAL A 271 -39.79 -47.30 -0.94
CA VAL A 271 -40.16 -46.44 -2.04
C VAL A 271 -41.04 -47.27 -2.97
N GLN A 272 -40.57 -48.46 -3.30
CA GLN A 272 -41.32 -49.35 -4.17
C GLN A 272 -42.70 -49.59 -3.57
N ALA A 273 -42.75 -49.57 -2.24
CA ALA A 273 -44.01 -49.78 -1.53
C ALA A 273 -44.92 -48.58 -1.74
N GLY A 274 -44.35 -47.43 -2.04
CA GLY A 274 -45.17 -46.25 -2.27
C GLY A 274 -45.08 -45.18 -1.21
N ILE A 275 -44.15 -45.34 -0.28
CA ILE A 275 -43.97 -44.36 0.78
C ILE A 275 -43.12 -43.24 0.21
N PRO A 276 -43.40 -41.99 0.56
CA PRO A 276 -42.51 -40.99 -0.02
C PRO A 276 -41.21 -41.03 0.75
N LEU A 277 -40.15 -40.41 0.24
CA LEU A 277 -38.88 -40.42 0.95
C LEU A 277 -38.88 -39.51 2.17
N ALA A 278 -39.76 -38.51 2.20
CA ALA A 278 -39.80 -37.60 3.33
C ALA A 278 -40.26 -38.27 4.61
N ARG A 279 -40.64 -39.54 4.51
CA ARG A 279 -41.10 -40.27 5.69
C ARG A 279 -40.10 -41.36 6.04
N VAL A 280 -39.01 -41.42 5.30
CA VAL A 280 -37.98 -42.39 5.58
C VAL A 280 -36.73 -41.65 6.00
N THR A 281 -36.09 -42.13 7.05
CA THR A 281 -34.86 -41.50 7.52
C THR A 281 -33.91 -42.61 7.92
N LEU A 282 -32.62 -42.33 7.83
CA LEU A 282 -31.60 -43.29 8.17
C LEU A 282 -30.85 -42.76 9.39
N SER A 283 -30.73 -43.56 10.44
CA SER A 283 -30.01 -43.14 11.63
C SER A 283 -28.82 -44.11 11.73
N SER A 284 -27.83 -43.79 12.55
CA SER A 284 -26.65 -44.65 12.67
C SER A 284 -26.61 -45.51 13.94
N ASP A 285 -27.00 -44.90 15.05
CA ASP A 285 -27.00 -45.54 16.35
C ASP A 285 -25.55 -45.65 16.75
N GLY A 286 -24.81 -44.59 16.48
CA GLY A 286 -23.40 -44.55 16.81
C GLY A 286 -23.09 -44.94 18.23
N ASN A 287 -21.84 -45.33 18.46
CA ASN A 287 -21.33 -45.73 19.77
C ASN A 287 -22.30 -46.50 20.64
N GLY A 288 -23.34 -47.08 20.04
CA GLY A 288 -24.28 -47.85 20.81
C GLY A 288 -23.74 -49.27 20.81
N SER A 289 -24.39 -50.17 21.54
CA SER A 289 -23.94 -51.55 21.59
C SER A 289 -24.71 -52.40 20.59
N GLN A 290 -24.03 -53.41 20.03
CA GLN A 290 -24.67 -54.32 19.09
C GLN A 290 -24.72 -55.67 19.80
N PRO A 291 -25.63 -55.80 20.78
CA PRO A 291 -25.72 -57.06 21.51
C PRO A 291 -26.77 -57.93 20.87
N PHE A 292 -26.54 -59.24 20.89
CA PHE A 292 -27.50 -60.16 20.32
C PHE A 292 -27.93 -61.15 21.40
N PHE A 293 -29.16 -61.66 21.30
CA PHE A 293 -29.64 -62.62 22.29
C PHE A 293 -30.22 -63.88 21.65
N ASP A 294 -30.03 -65.04 22.29
CA ASP A 294 -30.55 -66.29 21.76
C ASP A 294 -32.07 -66.44 21.95
N ASP A 295 -32.50 -67.50 22.63
CA ASP A 295 -33.92 -67.73 22.85
C ASP A 295 -34.35 -67.68 24.32
N GLU A 296 -33.37 -67.67 25.23
CA GLU A 296 -33.66 -67.61 26.65
C GLU A 296 -33.26 -66.23 27.18
N GLY A 297 -33.10 -65.27 26.26
CA GLY A 297 -32.72 -63.93 26.66
C GLY A 297 -31.25 -63.81 27.06
N ASN A 298 -30.45 -64.79 26.63
CA ASN A 298 -29.02 -64.83 26.93
C ASN A 298 -28.21 -64.03 25.92
N LEU A 299 -27.36 -63.15 26.44
CA LEU A 299 -26.51 -62.36 25.55
C LEU A 299 -25.35 -63.26 25.11
N THR A 300 -25.10 -63.28 23.80
CA THR A 300 -24.04 -64.11 23.26
C THR A 300 -22.84 -63.26 22.82
N HIS A 301 -23.09 -62.30 21.94
CA HIS A 301 -22.05 -61.41 21.44
C HIS A 301 -22.42 -59.95 21.77
N ILE A 302 -21.42 -59.07 21.66
CA ILE A 302 -21.64 -57.64 21.88
C ILE A 302 -20.48 -56.86 21.27
N GLY A 303 -20.79 -55.66 20.78
CA GLY A 303 -19.77 -54.83 20.18
C GLY A 303 -20.21 -53.37 20.09
N VAL A 304 -19.58 -52.60 19.21
CA VAL A 304 -19.92 -51.20 19.07
C VAL A 304 -20.26 -50.84 17.63
N ALA A 305 -21.21 -49.91 17.48
CA ALA A 305 -21.64 -49.46 16.17
C ALA A 305 -20.83 -48.22 15.79
N GLY A 306 -20.43 -48.17 14.53
CA GLY A 306 -19.66 -47.03 14.06
C GLY A 306 -20.52 -46.20 13.12
N PHE A 307 -19.93 -45.16 12.55
CA PHE A 307 -20.68 -44.31 11.64
C PHE A 307 -20.42 -44.61 10.17
N GLU A 308 -19.34 -45.31 9.85
CA GLU A 308 -19.04 -45.60 8.46
C GLU A 308 -20.26 -46.08 7.67
N THR A 309 -21.19 -46.73 8.33
CA THR A 309 -22.37 -47.25 7.65
C THR A 309 -23.37 -46.26 7.08
N LEU A 310 -23.20 -44.97 7.34
CA LEU A 310 -24.14 -44.01 6.79
C LEU A 310 -23.86 -43.81 5.29
N LEU A 311 -22.64 -43.36 5.00
CA LEU A 311 -22.22 -43.13 3.62
C LEU A 311 -22.38 -44.40 2.81
N GLU A 312 -21.94 -45.53 3.35
CA GLU A 312 -22.04 -46.80 2.65
C GLU A 312 -23.41 -46.99 2.05
N THR A 313 -24.44 -46.85 2.88
CA THR A 313 -25.81 -47.02 2.44
C THR A 313 -26.11 -46.14 1.23
N VAL A 314 -25.66 -44.89 1.33
CA VAL A 314 -25.86 -43.92 0.28
C VAL A 314 -25.21 -44.42 -1.02
N GLN A 315 -24.00 -44.95 -0.92
CA GLN A 315 -23.27 -45.49 -2.07
C GLN A 315 -24.03 -46.70 -2.61
N VAL A 316 -24.40 -47.60 -1.71
CA VAL A 316 -25.11 -48.82 -2.07
C VAL A 316 -26.49 -48.51 -2.65
N LEU A 317 -26.86 -47.24 -2.62
CA LEU A 317 -28.16 -46.85 -3.14
C LEU A 317 -28.01 -46.45 -4.60
N VAL A 318 -27.07 -45.55 -4.85
CA VAL A 318 -26.81 -45.08 -6.19
C VAL A 318 -26.54 -46.30 -7.06
N LYS A 319 -25.60 -47.13 -6.62
CA LYS A 319 -25.28 -48.34 -7.33
C LYS A 319 -26.24 -49.37 -6.75
N ASP A 320 -26.27 -50.57 -7.33
CA ASP A 320 -27.13 -51.63 -6.80
C ASP A 320 -28.64 -51.39 -6.82
N TYR A 321 -29.05 -50.34 -6.34
CA TYR A 321 -30.51 -50.15 -6.34
C TYR A 321 -30.99 -48.98 -7.22
N ASP A 322 -30.11 -48.73 -8.15
CA ASP A 322 -30.34 -47.74 -9.19
C ASP A 322 -31.15 -46.50 -8.79
N PHE A 323 -30.62 -45.76 -7.81
CA PHE A 323 -31.22 -44.53 -7.30
C PHE A 323 -30.49 -43.36 -7.91
N SER A 324 -30.90 -42.16 -7.53
CA SER A 324 -30.23 -40.95 -7.99
C SER A 324 -29.47 -40.39 -6.79
N ILE A 325 -28.26 -39.89 -7.02
CA ILE A 325 -27.46 -39.33 -5.94
C ILE A 325 -28.33 -38.42 -5.09
N SER A 326 -29.34 -37.84 -5.72
CA SER A 326 -30.27 -36.91 -5.06
C SER A 326 -31.23 -37.61 -4.10
N ASP A 327 -32.08 -38.50 -4.61
CA ASP A 327 -33.01 -39.23 -3.75
C ASP A 327 -32.26 -39.95 -2.64
N ALA A 328 -31.10 -40.50 -2.98
CA ALA A 328 -30.28 -41.25 -2.01
C ALA A 328 -29.75 -40.41 -0.87
N LEU A 329 -29.66 -39.10 -1.08
CA LEU A 329 -29.16 -38.22 -0.04
C LEU A 329 -30.24 -37.82 0.95
N ARG A 330 -31.47 -37.70 0.44
CA ARG A 330 -32.59 -37.25 1.25
C ARG A 330 -32.77 -37.85 2.63
N PRO A 331 -32.75 -39.19 2.75
CA PRO A 331 -32.92 -39.83 4.06
C PRO A 331 -31.97 -39.46 5.19
N LEU A 332 -30.93 -38.70 4.89
CA LEU A 332 -29.98 -38.31 5.91
C LEU A 332 -29.94 -36.80 6.03
N THR A 333 -30.64 -36.14 5.12
CA THR A 333 -30.64 -34.70 5.07
C THR A 333 -31.99 -34.03 5.18
N SER A 334 -32.61 -33.76 4.03
CA SER A 334 -33.91 -33.08 3.97
C SER A 334 -35.05 -33.81 4.65
N SER A 335 -35.01 -35.12 4.68
CA SER A 335 -36.08 -35.85 5.32
C SER A 335 -35.99 -35.63 6.82
N VAL A 336 -34.83 -35.93 7.39
CA VAL A 336 -34.60 -35.77 8.82
C VAL A 336 -34.82 -34.33 9.25
N ALA A 337 -34.38 -33.39 8.42
CA ALA A 337 -34.52 -31.99 8.76
C ALA A 337 -35.99 -31.61 8.86
N GLY A 338 -36.83 -32.26 8.06
CA GLY A 338 -38.24 -31.95 8.09
C GLY A 338 -39.03 -32.61 9.21
N PHE A 339 -38.57 -33.76 9.66
CA PHE A 339 -39.27 -34.47 10.72
C PHE A 339 -39.03 -33.83 12.08
N LEU A 340 -37.81 -33.35 12.30
CA LEU A 340 -37.46 -32.72 13.56
C LEU A 340 -37.49 -31.20 13.47
N ASN A 341 -38.11 -30.70 12.41
CA ASN A 341 -38.19 -29.26 12.21
C ASN A 341 -36.91 -28.46 12.43
N LEU A 342 -35.77 -29.04 12.09
CA LEU A 342 -34.51 -28.33 12.26
C LEU A 342 -34.38 -27.30 11.14
N THR A 343 -34.34 -26.03 11.50
CA THR A 343 -34.20 -24.97 10.49
C THR A 343 -32.72 -24.67 10.24
N GLY A 344 -32.42 -24.21 9.03
CA GLY A 344 -31.05 -23.90 8.66
C GLY A 344 -30.30 -25.19 8.35
N LYS A 345 -31.01 -26.32 8.42
CA LYS A 345 -30.42 -27.62 8.16
C LYS A 345 -31.14 -28.43 7.07
N GLY A 346 -30.42 -29.40 6.51
CA GLY A 346 -31.02 -30.26 5.51
C GLY A 346 -31.03 -29.81 4.07
N GLU A 347 -31.09 -28.50 3.83
CA GLU A 347 -31.12 -27.99 2.46
C GLU A 347 -30.13 -26.87 2.23
N ILE A 348 -29.53 -26.87 1.04
CA ILE A 348 -28.58 -25.82 0.66
C ILE A 348 -29.26 -24.74 -0.17
N LEU A 349 -29.52 -23.61 0.47
CA LEU A 349 -30.13 -22.47 -0.17
C LEU A 349 -29.92 -21.27 0.73
N PRO A 350 -29.99 -20.05 0.17
CA PRO A 350 -29.78 -18.82 0.95
C PRO A 350 -30.52 -18.84 2.28
N GLY A 351 -29.79 -18.56 3.35
CA GLY A 351 -30.38 -18.52 4.67
C GLY A 351 -30.01 -19.66 5.61
N ASN A 352 -29.73 -20.83 5.06
CA ASN A 352 -29.39 -21.95 5.93
C ASN A 352 -27.91 -22.03 6.26
N ASP A 353 -27.58 -22.86 7.25
CA ASP A 353 -26.21 -23.03 7.70
C ASP A 353 -25.30 -23.67 6.68
N ALA A 354 -24.03 -23.29 6.71
CA ALA A 354 -23.04 -23.80 5.78
C ALA A 354 -22.56 -25.17 6.23
N ASP A 355 -23.48 -26.12 6.28
CA ASP A 355 -23.16 -27.48 6.64
C ASP A 355 -22.98 -28.15 5.29
N LEU A 356 -21.74 -28.22 4.83
CA LEU A 356 -21.47 -28.79 3.53
C LEU A 356 -20.44 -29.92 3.51
N LEU A 357 -20.60 -30.78 2.51
CA LEU A 357 -19.73 -31.93 2.29
C LEU A 357 -19.23 -31.91 0.86
N VAL A 358 -17.94 -32.11 0.69
CA VAL A 358 -17.35 -32.16 -0.63
C VAL A 358 -16.90 -33.59 -0.83
N MET A 359 -17.43 -34.25 -1.86
CA MET A 359 -17.09 -35.64 -2.16
C MET A 359 -16.66 -35.80 -3.61
N THR A 360 -15.98 -36.90 -3.91
CA THR A 360 -15.52 -37.21 -5.26
C THR A 360 -16.72 -37.73 -6.03
N PRO A 361 -16.64 -37.80 -7.36
CA PRO A 361 -17.80 -38.29 -8.10
C PRO A 361 -18.25 -39.65 -7.62
N GLU A 362 -17.30 -40.39 -7.05
CA GLU A 362 -17.56 -41.73 -6.57
C GLU A 362 -18.10 -41.77 -5.14
N LEU A 363 -18.43 -40.59 -4.63
CA LEU A 363 -18.98 -40.40 -3.29
C LEU A 363 -18.05 -40.80 -2.14
N ARG A 364 -16.90 -40.14 -2.08
CA ARG A 364 -15.90 -40.35 -1.04
C ARG A 364 -15.72 -38.98 -0.42
N ILE A 365 -15.96 -38.86 0.87
CA ILE A 365 -15.84 -37.57 1.54
C ILE A 365 -14.42 -37.01 1.54
N GLU A 366 -14.25 -35.78 1.05
CA GLU A 366 -12.95 -35.13 0.97
C GLU A 366 -12.87 -33.93 1.90
N GLN A 367 -13.96 -33.18 1.98
CA GLN A 367 -14.04 -31.99 2.82
C GLN A 367 -15.38 -31.89 3.53
N VAL A 368 -15.38 -31.34 4.73
CA VAL A 368 -16.61 -31.18 5.48
C VAL A 368 -16.61 -29.82 6.13
N TYR A 369 -17.59 -28.99 5.77
CA TYR A 369 -17.71 -27.67 6.35
C TYR A 369 -18.85 -27.72 7.36
N ALA A 370 -18.61 -27.20 8.54
CA ALA A 370 -19.64 -27.21 9.56
C ALA A 370 -19.95 -25.80 9.99
N ARG A 371 -21.10 -25.30 9.56
CA ARG A 371 -21.50 -23.96 9.93
C ARG A 371 -20.37 -23.02 9.53
N GLY A 372 -19.71 -23.32 8.41
CA GLY A 372 -18.64 -22.48 7.93
C GLY A 372 -17.22 -22.93 8.20
N LYS A 373 -16.91 -23.29 9.44
CA LYS A 373 -15.58 -23.73 9.79
C LYS A 373 -15.23 -25.02 9.07
N LEU A 374 -14.02 -25.07 8.53
CA LEU A 374 -13.53 -26.26 7.84
C LEU A 374 -13.18 -27.30 8.91
N MET A 375 -13.90 -28.43 8.88
CA MET A 375 -13.70 -29.49 9.86
C MET A 375 -12.92 -30.70 9.35
N VAL A 376 -13.08 -31.01 8.07
CA VAL A 376 -12.40 -32.16 7.49
C VAL A 376 -11.73 -31.84 6.17
N LYS A 377 -10.47 -32.25 6.02
CA LYS A 377 -9.74 -31.96 4.81
C LYS A 377 -9.08 -33.21 4.24
N ASP A 378 -9.15 -33.36 2.93
CA ASP A 378 -8.55 -34.52 2.27
C ASP A 378 -8.95 -35.85 2.88
N GLY A 379 -10.14 -35.92 3.47
CA GLY A 379 -10.59 -37.18 4.03
C GLY A 379 -10.25 -37.45 5.48
N LYS A 380 -9.42 -36.60 6.06
CA LYS A 380 -9.03 -36.74 7.46
C LYS A 380 -9.43 -35.48 8.20
N ALA A 381 -9.97 -35.64 9.41
CA ALA A 381 -10.39 -34.48 10.19
C ALA A 381 -9.21 -33.56 10.49
N CYS A 382 -9.44 -32.26 10.39
CA CYS A 382 -8.38 -31.29 10.68
C CYS A 382 -8.78 -30.43 11.88
N VAL A 383 -9.79 -30.89 12.59
CA VAL A 383 -10.29 -30.22 13.78
C VAL A 383 -10.84 -31.29 14.70
N LYS A 384 -10.10 -31.67 15.74
CA LYS A 384 -10.57 -32.72 16.65
C LYS A 384 -11.20 -32.07 17.87
N GLY A 385 -11.64 -32.91 18.82
CA GLY A 385 -12.27 -32.39 20.02
C GLY A 385 -11.38 -31.47 20.85
N THR A 386 -11.50 -31.54 22.18
CA THR A 386 -10.66 -30.71 23.03
C THR A 386 -9.67 -31.59 23.75
N PHE A 387 -10.03 -32.87 23.89
CA PHE A 387 -9.16 -33.82 24.56
C PHE A 387 -9.02 -35.16 23.83
N GLU A 388 -9.06 -35.13 22.49
CA GLU A 388 -8.93 -36.36 21.71
C GLU A 388 -7.53 -37.01 21.70
N MET B 1 29.36 82.06 -0.14
CA MET B 1 28.89 81.60 -1.48
C MET B 1 28.32 80.18 -1.41
N ILE B 2 28.68 79.46 -0.35
CA ILE B 2 28.22 78.10 -0.10
C ILE B 2 28.83 77.03 -1.01
N ASP B 3 29.21 75.90 -0.42
CA ASP B 3 29.82 74.81 -1.17
C ASP B 3 29.04 73.50 -1.05
N TYR B 4 28.72 72.89 -2.19
CA TYR B 4 27.98 71.63 -2.21
C TYR B 4 28.75 70.51 -2.93
N THR B 5 30.08 70.60 -2.92
CA THR B 5 30.91 69.61 -3.59
C THR B 5 30.83 68.18 -3.07
N ALA B 6 30.80 68.02 -1.76
CA ALA B 6 30.75 66.68 -1.17
C ALA B 6 29.64 65.85 -1.80
N ALA B 7 28.55 66.50 -2.15
CA ALA B 7 27.44 65.79 -2.73
C ALA B 7 27.84 65.14 -4.06
N GLY B 8 28.79 65.75 -4.75
CA GLY B 8 29.24 65.22 -6.02
C GLY B 8 28.13 64.99 -7.03
N PHE B 9 27.33 66.02 -7.30
CA PHE B 9 26.23 65.88 -8.24
C PHE B 9 26.63 65.62 -9.68
N THR B 10 25.83 64.82 -10.39
CA THR B 10 26.12 64.50 -11.78
C THR B 10 24.87 64.29 -12.63
N LEU B 11 24.72 65.13 -13.64
CA LEU B 11 23.57 65.06 -14.54
C LEU B 11 23.98 64.44 -15.86
N LEU B 12 23.66 63.17 -16.06
CA LEU B 12 23.98 62.45 -17.29
C LEU B 12 22.75 62.52 -18.20
N GLN B 13 22.79 63.40 -19.20
CA GLN B 13 21.61 63.58 -20.05
C GLN B 13 21.62 63.25 -21.53
N GLY B 14 20.42 63.21 -22.11
CA GLY B 14 20.25 62.94 -23.52
C GLY B 14 20.72 61.62 -24.08
N ALA B 15 20.82 60.59 -23.24
CA ALA B 15 21.27 59.29 -23.70
C ALA B 15 20.12 58.32 -23.90
N HIS B 16 20.28 57.35 -24.78
CA HIS B 16 19.23 56.37 -24.98
C HIS B 16 19.45 55.35 -23.89
N LEU B 17 18.59 55.40 -22.88
CA LEU B 17 18.67 54.52 -21.72
C LEU B 17 18.11 53.13 -21.92
N TYR B 18 18.85 52.15 -21.40
CA TYR B 18 18.48 50.74 -21.41
C TYR B 18 18.79 50.39 -19.96
N ALA B 19 17.76 50.28 -19.12
CA ALA B 19 17.99 50.07 -17.70
C ALA B 19 18.06 48.70 -17.02
N PRO B 20 18.08 47.60 -17.77
CA PRO B 20 18.09 47.25 -19.19
C PRO B 20 16.85 47.57 -20.01
N GLU B 21 15.67 47.63 -19.39
CA GLU B 21 14.48 47.94 -20.15
C GLU B 21 14.74 49.12 -21.07
N ASP B 22 14.25 49.04 -22.30
CA ASP B 22 14.41 50.13 -23.24
C ASP B 22 13.58 51.26 -22.64
N ARG B 23 14.22 52.31 -22.11
CA ARG B 23 13.49 53.43 -21.51
C ARG B 23 13.55 54.67 -22.38
N GLY B 24 13.85 54.49 -23.66
CA GLY B 24 13.92 55.62 -24.59
C GLY B 24 14.93 56.65 -24.15
N ILE B 25 14.93 57.81 -24.80
CA ILE B 25 15.87 58.86 -24.43
C ILE B 25 15.43 59.55 -23.15
N CYS B 26 16.27 59.53 -22.11
CA CYS B 26 15.95 60.22 -20.86
C CYS B 26 17.20 60.40 -20.02
N ASP B 27 17.14 61.28 -19.01
CA ASP B 27 18.32 61.56 -18.18
C ASP B 27 18.41 60.72 -16.90
N VAL B 28 19.54 60.88 -16.21
CA VAL B 28 19.84 60.19 -14.96
C VAL B 28 20.61 61.14 -14.03
N LEU B 29 20.03 61.50 -12.89
CA LEU B 29 20.72 62.38 -11.95
C LEU B 29 21.41 61.51 -10.91
N VAL B 30 22.70 61.73 -10.73
CA VAL B 30 23.48 60.95 -9.79
C VAL B 30 24.06 61.82 -8.70
N ALA B 31 23.86 61.42 -7.46
CA ALA B 31 24.41 62.16 -6.33
C ALA B 31 24.83 61.15 -5.28
N ASN B 32 25.99 61.39 -4.63
CA ASN B 32 26.50 60.49 -3.60
C ASN B 32 26.66 59.05 -4.07
N GLY B 33 27.04 58.91 -5.33
CA GLY B 33 27.21 57.60 -5.92
C GLY B 33 25.92 56.81 -6.02
N LYS B 34 24.81 57.53 -5.97
CA LYS B 34 23.52 56.89 -6.06
C LYS B 34 22.69 57.53 -7.16
N ILE B 35 21.82 56.73 -7.75
CA ILE B 35 20.94 57.22 -8.80
C ILE B 35 19.82 57.83 -8.02
N ILE B 36 19.62 59.15 -8.12
CA ILE B 36 18.53 59.75 -7.36
C ILE B 36 17.35 60.18 -8.21
N ALA B 37 17.48 60.03 -9.53
CA ALA B 37 16.40 60.44 -10.40
C ALA B 37 16.53 59.98 -11.86
N VAL B 38 15.46 59.41 -12.38
CA VAL B 38 15.43 58.97 -13.78
C VAL B 38 14.13 59.36 -14.47
N ALA B 39 14.23 60.32 -15.39
CA ALA B 39 13.09 60.80 -16.15
C ALA B 39 13.71 61.54 -17.32
N SER B 40 12.89 62.08 -18.21
CA SER B 40 13.47 62.80 -19.34
C SER B 40 13.34 64.30 -19.19
N ASN B 41 14.48 64.99 -19.31
CA ASN B 41 14.54 66.44 -19.22
C ASN B 41 14.69 66.99 -17.82
N ILE B 42 15.60 66.40 -17.05
CA ILE B 42 15.85 66.87 -15.71
C ILE B 42 16.57 68.22 -15.89
N PRO B 43 16.02 69.29 -15.30
CA PRO B 43 16.64 70.62 -15.40
C PRO B 43 18.13 70.69 -15.02
N SER B 44 18.92 71.15 -15.98
CA SER B 44 20.36 71.29 -15.83
C SER B 44 20.76 72.05 -14.58
N ASP B 45 19.82 72.78 -14.00
CA ASP B 45 20.11 73.60 -12.82
C ASP B 45 19.31 73.18 -11.60
N ILE B 46 18.67 72.02 -11.66
CA ILE B 46 17.87 71.56 -10.55
C ILE B 46 18.63 71.53 -9.21
N VAL B 47 19.95 71.36 -9.28
CA VAL B 47 20.81 71.33 -8.09
C VAL B 47 22.14 72.05 -8.30
N PRO B 48 22.74 72.54 -7.20
CA PRO B 48 24.02 73.26 -7.29
C PRO B 48 25.24 72.40 -7.60
N ASN B 49 26.29 73.06 -8.06
CA ASN B 49 27.56 72.40 -8.38
C ASN B 49 27.40 71.10 -9.12
N CYS B 50 26.33 70.98 -9.90
CA CYS B 50 26.07 69.77 -10.67
C CYS B 50 26.98 69.69 -11.87
N THR B 51 27.39 68.48 -12.24
CA THR B 51 28.24 68.31 -13.41
C THR B 51 27.43 67.63 -14.50
N VAL B 52 27.26 68.31 -15.63
CA VAL B 52 26.48 67.73 -16.71
C VAL B 52 27.34 67.14 -17.79
N VAL B 53 26.97 65.93 -18.21
CA VAL B 53 27.67 65.21 -19.26
C VAL B 53 26.77 65.11 -20.48
N ASP B 54 27.18 65.76 -21.56
CA ASP B 54 26.40 65.75 -22.80
C ASP B 54 26.54 64.40 -23.48
N LEU B 55 25.77 63.43 -23.01
CA LEU B 55 25.83 62.09 -23.56
C LEU B 55 24.90 61.92 -24.76
N SER B 56 24.36 63.03 -25.25
CA SER B 56 23.46 62.99 -26.39
C SER B 56 24.07 62.22 -27.56
N GLY B 57 23.38 61.17 -27.99
CA GLY B 57 23.88 60.38 -29.11
C GLY B 57 24.43 59.02 -28.69
N GLN B 58 24.85 58.91 -27.43
CA GLN B 58 25.39 57.67 -26.91
C GLN B 58 24.30 56.85 -26.20
N ILE B 59 24.67 55.64 -25.79
CA ILE B 59 23.74 54.74 -25.08
C ILE B 59 24.25 54.60 -23.67
N LEU B 60 23.31 54.47 -22.73
CA LEU B 60 23.65 54.34 -21.33
C LEU B 60 23.00 53.07 -20.82
N CYS B 61 23.74 52.25 -20.07
CA CYS B 61 23.18 51.02 -19.50
C CYS B 61 23.94 50.60 -18.25
N PRO B 62 23.39 49.65 -17.47
CA PRO B 62 24.06 49.20 -16.25
C PRO B 62 25.40 48.54 -16.45
N GLY B 63 26.30 48.73 -15.50
CA GLY B 63 27.62 48.10 -15.59
C GLY B 63 27.43 46.59 -15.53
N PHE B 64 28.51 45.86 -15.79
CA PHE B 64 28.46 44.40 -15.77
C PHE B 64 28.73 43.77 -14.41
N ILE B 65 28.14 42.60 -14.19
CA ILE B 65 28.33 41.87 -12.96
C ILE B 65 28.97 40.55 -13.42
N ASP B 66 30.26 40.40 -13.15
CA ASP B 66 30.99 39.21 -13.55
C ASP B 66 31.07 38.33 -12.30
N GLN B 67 30.27 37.28 -12.26
CA GLN B 67 30.26 36.40 -11.10
C GLN B 67 31.19 35.22 -11.23
N HIS B 68 32.36 35.43 -11.81
CA HIS B 68 33.30 34.33 -11.97
C HIS B 68 34.66 34.83 -12.38
N VAL B 69 35.40 35.42 -11.44
CA VAL B 69 36.72 35.92 -11.75
C VAL B 69 37.73 35.53 -10.70
N HIS B 70 38.88 35.02 -11.15
CA HIS B 70 39.97 34.58 -10.29
C HIS B 70 40.81 35.76 -9.81
N LEU B 71 40.15 36.72 -9.18
CA LEU B 71 40.79 37.93 -8.69
C LEU B 71 42.25 37.85 -8.26
N ILE B 72 42.66 36.80 -7.56
CA ILE B 72 44.04 36.72 -7.12
C ILE B 72 44.93 35.90 -8.02
N GLY B 73 44.31 35.23 -8.98
CA GLY B 73 45.07 34.40 -9.89
C GLY B 73 44.58 32.98 -9.88
N GLY B 74 45.07 32.20 -10.83
CA GLY B 74 44.67 30.82 -10.94
C GLY B 74 45.67 30.00 -11.72
N GLY B 75 45.19 28.94 -12.37
CA GLY B 75 46.06 28.09 -13.15
C GLY B 75 46.86 27.22 -12.22
N GLY B 76 47.96 26.66 -12.71
CA GLY B 76 48.81 25.80 -11.90
C GLY B 76 48.77 24.36 -12.37
N GLU B 77 47.83 24.07 -13.28
CA GLU B 77 47.65 22.73 -13.85
C GLU B 77 48.90 22.15 -14.47
N ALA B 78 49.80 23.01 -14.94
CA ALA B 78 51.01 22.51 -15.57
C ALA B 78 52.25 23.01 -14.86
N GLY B 79 52.29 22.87 -13.55
CA GLY B 79 53.46 23.31 -12.83
C GLY B 79 53.26 24.69 -12.25
N PRO B 80 54.22 25.21 -11.47
CA PRO B 80 54.13 26.53 -10.85
C PRO B 80 54.25 27.67 -11.83
N THR B 81 54.77 27.36 -13.01
CA THR B 81 54.95 28.37 -14.05
C THR B 81 53.64 28.78 -14.70
N THR B 82 52.59 28.01 -14.46
CA THR B 82 51.28 28.33 -15.03
C THR B 82 50.32 28.95 -14.02
N ARG B 83 50.87 29.73 -13.10
CA ARG B 83 50.09 30.41 -12.08
C ARG B 83 49.77 31.83 -12.55
N THR B 84 48.64 32.00 -13.22
CA THR B 84 48.21 33.31 -13.72
C THR B 84 48.26 34.36 -12.63
N PRO B 85 48.58 35.60 -13.00
CA PRO B 85 48.65 36.68 -12.00
C PRO B 85 47.28 37.13 -11.51
N GLU B 86 47.27 38.22 -10.76
CA GLU B 86 46.02 38.76 -10.24
C GLU B 86 45.48 39.75 -11.24
N VAL B 87 44.20 40.10 -11.11
CA VAL B 87 43.63 41.06 -12.05
C VAL B 87 43.87 42.49 -11.57
N ALA B 88 43.98 43.40 -12.54
CA ALA B 88 44.20 44.82 -12.29
C ALA B 88 42.88 45.55 -12.39
N LEU B 89 42.63 46.44 -11.44
CA LEU B 89 41.40 47.19 -11.44
C LEU B 89 41.05 47.62 -12.86
N SER B 90 42.01 48.22 -13.55
CA SER B 90 41.81 48.71 -14.90
C SER B 90 41.20 47.73 -15.88
N ARG B 91 41.84 46.59 -16.13
CA ARG B 91 41.26 45.68 -17.10
C ARG B 91 39.87 45.20 -16.75
N LEU B 92 39.33 45.63 -15.62
CA LEU B 92 37.97 45.24 -15.24
C LEU B 92 37.05 46.34 -15.70
N THR B 93 37.23 47.53 -15.13
CA THR B 93 36.40 48.66 -15.49
C THR B 93 36.47 48.90 -16.99
N GLU B 94 37.69 48.85 -17.52
CA GLU B 94 37.93 49.06 -18.93
C GLU B 94 37.19 48.03 -19.77
N ALA B 95 36.64 47.02 -19.12
CA ALA B 95 35.92 45.95 -19.78
C ALA B 95 34.42 46.00 -19.52
N GLY B 96 34.01 47.03 -18.80
CA GLY B 96 32.60 47.21 -18.49
C GLY B 96 32.15 46.52 -17.21
N VAL B 97 33.08 45.90 -16.51
CA VAL B 97 32.73 45.21 -15.27
C VAL B 97 32.83 46.16 -14.09
N THR B 98 31.76 46.24 -13.32
CA THR B 98 31.70 47.13 -12.17
C THR B 98 31.50 46.34 -10.89
N SER B 99 30.92 45.15 -11.03
CA SER B 99 30.68 44.28 -9.91
C SER B 99 31.27 42.95 -10.28
N VAL B 100 31.96 42.34 -9.34
CA VAL B 100 32.59 41.07 -9.59
C VAL B 100 32.63 40.16 -8.37
N VAL B 101 32.41 38.88 -8.61
CA VAL B 101 32.43 37.85 -7.58
C VAL B 101 33.63 36.98 -7.89
N GLY B 102 34.59 36.94 -6.96
CA GLY B 102 35.78 36.15 -7.15
C GLY B 102 35.77 34.78 -6.48
N LEU B 103 36.51 33.84 -7.07
CA LEU B 103 36.62 32.49 -6.53
C LEU B 103 38.03 31.90 -6.74
N LEU B 104 38.28 30.72 -6.20
CA LEU B 104 39.57 30.08 -6.40
C LEU B 104 39.31 28.95 -7.38
N GLY B 105 40.33 28.16 -7.68
CA GLY B 105 40.10 27.07 -8.61
C GLY B 105 40.73 25.78 -8.17
N THR B 106 41.39 25.13 -9.12
CA THR B 106 42.08 23.88 -8.88
C THR B 106 43.03 23.99 -7.67
N ASP B 107 43.93 24.97 -7.73
CA ASP B 107 44.96 25.21 -6.72
C ASP B 107 44.45 25.81 -5.41
N SER B 108 44.53 25.05 -4.32
CA SER B 108 44.08 25.49 -3.00
C SER B 108 45.23 25.28 -2.05
N ILE B 109 46.38 24.96 -2.63
CA ILE B 109 47.58 24.73 -1.84
C ILE B 109 48.42 25.98 -1.84
N SER B 110 48.57 26.60 -3.00
CA SER B 110 49.37 27.82 -3.12
C SER B 110 48.50 29.03 -3.41
N ARG B 111 47.23 28.95 -3.01
CA ARG B 111 46.23 30.01 -3.19
C ARG B 111 45.27 29.83 -2.00
N HIS B 112 45.15 30.83 -1.14
CA HIS B 112 44.25 30.70 0.02
C HIS B 112 43.10 31.69 -0.02
N PRO B 113 41.95 31.33 0.54
CA PRO B 113 40.83 32.28 0.51
C PRO B 113 41.11 33.58 1.27
N GLU B 114 42.04 33.51 2.23
CA GLU B 114 42.39 34.66 3.02
C GLU B 114 43.01 35.76 2.19
N SER B 115 43.67 35.41 1.10
CA SER B 115 44.29 36.41 0.25
C SER B 115 43.33 36.78 -0.90
N LEU B 116 42.20 36.08 -0.99
CA LEU B 116 41.23 36.41 -2.03
C LEU B 116 40.32 37.46 -1.40
N LEU B 117 40.05 37.29 -0.10
CA LEU B 117 39.21 38.21 0.65
C LEU B 117 39.90 39.55 0.65
N ALA B 118 41.22 39.52 0.72
CA ALA B 118 42.00 40.74 0.74
C ALA B 118 41.80 41.55 -0.55
N LYS B 119 42.16 40.94 -1.69
CA LYS B 119 42.02 41.58 -3.00
C LYS B 119 40.58 42.06 -3.16
N THR B 120 39.65 41.25 -2.69
CA THR B 120 38.25 41.60 -2.79
C THR B 120 38.02 42.91 -2.07
N ARG B 121 38.54 43.03 -0.85
CA ARG B 121 38.36 44.27 -0.13
C ARG B 121 39.14 45.38 -0.79
N ALA B 122 40.28 45.05 -1.39
CA ALA B 122 41.08 46.08 -2.04
C ALA B 122 40.26 46.65 -3.19
N LEU B 123 39.84 45.76 -4.09
CA LEU B 123 39.05 46.16 -5.25
C LEU B 123 37.84 47.03 -4.87
N ASN B 124 37.38 46.89 -3.63
CA ASN B 124 36.25 47.69 -3.15
C ASN B 124 36.78 49.09 -2.92
N GLU B 125 37.79 49.18 -2.06
CA GLU B 125 38.39 50.47 -1.75
C GLU B 125 38.70 51.27 -2.98
N GLU B 126 39.33 50.64 -3.96
CA GLU B 126 39.73 51.32 -5.18
C GLU B 126 38.59 51.75 -6.10
N GLY B 127 37.35 51.35 -5.81
CA GLY B 127 36.28 51.77 -6.68
C GLY B 127 35.13 50.83 -6.95
N ILE B 128 35.37 49.76 -7.68
CA ILE B 128 34.30 48.81 -7.99
C ILE B 128 33.75 48.09 -6.75
N SER B 129 32.86 47.13 -6.98
CA SER B 129 32.24 46.37 -5.90
C SER B 129 32.59 44.90 -6.10
N ALA B 130 33.10 44.26 -5.06
CA ALA B 130 33.50 42.86 -5.13
C ALA B 130 32.98 41.96 -4.00
N TRP B 131 32.81 40.68 -4.33
CA TRP B 131 32.34 39.68 -3.40
C TRP B 131 33.15 38.44 -3.73
N MET B 132 33.16 37.45 -2.84
CA MET B 132 33.92 36.24 -3.11
C MET B 132 33.17 34.98 -2.71
N LEU B 133 33.65 33.84 -3.20
CA LEU B 133 33.06 32.54 -2.88
C LEU B 133 34.09 31.79 -2.02
N THR B 134 33.64 31.12 -0.96
CA THR B 134 34.56 30.40 -0.09
C THR B 134 34.93 29.03 -0.68
N GLY B 135 36.12 28.52 -0.33
CA GLY B 135 36.58 27.26 -0.84
C GLY B 135 37.05 27.31 -2.30
N ALA B 136 37.13 26.15 -2.95
CA ALA B 136 37.54 26.03 -4.34
C ALA B 136 37.10 24.67 -4.91
N TYR B 137 37.81 24.16 -5.92
CA TYR B 137 37.46 22.86 -6.49
C TYR B 137 37.35 21.77 -5.43
N HIS B 138 38.34 21.75 -4.53
CA HIS B 138 38.45 20.72 -3.48
C HIS B 138 37.28 20.65 -2.51
N VAL B 139 36.78 19.43 -2.33
CA VAL B 139 35.70 19.14 -1.41
C VAL B 139 36.20 17.95 -0.62
N PRO B 140 36.13 18.02 0.74
CA PRO B 140 35.62 19.10 1.57
C PRO B 140 36.28 20.44 1.33
N SER B 141 35.47 21.48 1.39
CA SER B 141 35.93 22.82 1.13
C SER B 141 36.96 23.37 2.11
N ARG B 142 37.98 24.02 1.58
CA ARG B 142 39.01 24.62 2.40
C ARG B 142 38.59 26.07 2.66
N THR B 143 38.07 26.30 3.85
CA THR B 143 37.53 27.58 4.29
C THR B 143 38.47 28.57 4.96
N ILE B 144 37.87 29.59 5.57
CA ILE B 144 38.64 30.61 6.27
C ILE B 144 38.52 30.40 7.77
N THR B 145 37.32 30.03 8.23
CA THR B 145 37.05 29.81 9.64
C THR B 145 36.96 28.32 10.00
N GLY B 146 36.88 27.46 8.98
CA GLY B 146 36.81 26.04 9.21
C GLY B 146 35.44 25.47 8.94
N SER B 147 34.49 26.31 8.56
CA SER B 147 33.13 25.86 8.28
C SER B 147 32.56 26.63 7.11
N VAL B 148 32.05 25.93 6.11
CA VAL B 148 31.47 26.63 4.97
C VAL B 148 30.38 27.48 5.57
N GLU B 149 29.58 26.87 6.43
CA GLU B 149 28.49 27.56 7.08
C GLU B 149 28.97 28.82 7.82
N LYS B 150 29.98 28.66 8.66
CA LYS B 150 30.48 29.80 9.41
C LYS B 150 31.06 30.84 8.48
N ASP B 151 31.77 30.42 7.43
CA ASP B 151 32.34 31.39 6.51
C ASP B 151 31.28 32.28 5.90
N VAL B 152 30.27 31.66 5.28
CA VAL B 152 29.20 32.42 4.63
C VAL B 152 28.43 33.29 5.62
N ALA B 153 28.24 32.79 6.82
CA ALA B 153 27.52 33.52 7.85
C ALA B 153 28.26 34.74 8.35
N ILE B 154 29.53 34.60 8.70
CA ILE B 154 30.25 35.76 9.24
C ILE B 154 31.24 36.62 8.43
N ILE B 155 31.94 36.08 7.43
CA ILE B 155 32.84 36.93 6.64
C ILE B 155 31.99 37.70 5.64
N ASP B 156 31.86 39.01 5.85
CA ASP B 156 31.03 39.87 5.02
C ASP B 156 31.06 39.75 3.51
N ARG B 157 32.21 39.52 2.93
CA ARG B 157 32.30 39.44 1.47
C ARG B 157 32.05 38.06 0.87
N VAL B 158 31.79 37.07 1.73
CA VAL B 158 31.52 35.72 1.25
C VAL B 158 30.02 35.50 1.07
N ILE B 159 29.62 35.24 -0.17
CA ILE B 159 28.22 35.06 -0.49
C ILE B 159 27.84 33.62 -0.83
N GLY B 160 28.83 32.74 -0.96
CA GLY B 160 28.52 31.37 -1.29
C GLY B 160 29.76 30.50 -1.23
N VAL B 161 29.67 29.31 -1.81
CA VAL B 161 30.80 28.39 -1.81
C VAL B 161 30.98 27.86 -3.20
N KCX B 162 32.18 27.43 -3.53
CA KCX B 162 32.42 26.88 -4.85
CB KCX B 162 33.40 27.74 -5.63
CG KCX B 162 33.55 27.27 -7.06
CD KCX B 162 34.88 27.65 -7.66
CE KCX B 162 34.96 27.11 -9.07
NZ KCX B 162 36.25 27.40 -9.71
C KCX B 162 33.01 25.50 -4.72
O KCX B 162 33.70 25.20 -3.75
CX KCX B 162 36.38 27.65 -11.01
OQ1 KCX B 162 37.51 27.90 -11.50
OQ2 KCX B 162 35.38 27.66 -11.76
N CYS B 163 32.73 24.65 -5.69
CA CYS B 163 33.26 23.30 -5.69
C CYS B 163 33.42 22.88 -7.12
N ALA B 164 33.90 21.67 -7.32
CA ALA B 164 34.10 21.17 -8.66
C ALA B 164 33.63 19.72 -8.75
N ILE B 165 32.86 19.40 -9.77
CA ILE B 165 32.38 18.03 -9.95
C ILE B 165 32.44 17.62 -11.41
N SER B 166 32.52 16.32 -11.67
CA SER B 166 32.56 15.79 -13.02
C SER B 166 33.73 16.35 -13.81
N ASP B 167 34.90 16.31 -13.20
CA ASP B 167 36.13 16.80 -13.83
C ASP B 167 37.27 16.02 -13.19
N HIS B 168 38.31 15.75 -13.97
CA HIS B 168 39.47 14.99 -13.49
C HIS B 168 40.40 15.83 -12.60
N ARG B 169 39.83 16.76 -11.85
CA ARG B 169 40.59 17.62 -10.93
C ARG B 169 39.73 17.76 -9.69
N SER B 170 38.66 17.01 -9.66
CA SER B 170 37.75 17.03 -8.54
C SER B 170 38.44 16.18 -7.50
N ALA B 171 38.01 16.30 -6.25
CA ALA B 171 38.60 15.51 -5.19
C ALA B 171 37.77 14.23 -5.04
N ALA B 172 36.97 13.94 -6.07
CA ALA B 172 36.13 12.76 -6.08
C ALA B 172 35.14 12.79 -4.92
N PRO B 173 34.47 13.93 -4.69
CA PRO B 173 33.51 13.99 -3.58
C PRO B 173 32.33 13.06 -3.83
N ASP B 174 31.62 12.75 -2.75
CA ASP B 174 30.46 11.87 -2.81
C ASP B 174 29.20 12.68 -2.55
N VAL B 175 28.05 12.03 -2.73
CA VAL B 175 26.76 12.67 -2.53
C VAL B 175 26.70 13.38 -1.17
N TYR B 176 27.05 12.69 -0.09
CA TYR B 176 26.98 13.31 1.23
C TYR B 176 27.77 14.62 1.32
N HIS B 177 29.10 14.51 1.24
CA HIS B 177 30.01 15.66 1.34
C HIS B 177 29.57 16.84 0.49
N LEU B 178 29.02 16.52 -0.67
CA LEU B 178 28.55 17.53 -1.60
C LEU B 178 27.29 18.18 -1.03
N ALA B 179 26.38 17.34 -0.56
CA ALA B 179 25.12 17.80 0.00
C ALA B 179 25.31 18.58 1.28
N ASN B 180 26.17 18.07 2.17
CA ASN B 180 26.44 18.77 3.42
C ASN B 180 26.94 20.17 3.10
N MET B 181 27.97 20.25 2.28
CA MET B 181 28.52 21.53 1.88
C MET B 181 27.41 22.46 1.40
N ALA B 182 26.70 22.03 0.37
CA ALA B 182 25.61 22.81 -0.21
C ALA B 182 24.65 23.37 0.81
N ALA B 183 24.39 22.62 1.87
CA ALA B 183 23.45 23.08 2.90
C ALA B 183 24.05 24.09 3.87
N GLU B 184 25.33 23.92 4.21
CA GLU B 184 25.97 24.85 5.12
C GLU B 184 25.95 26.25 4.51
N SER B 185 26.21 26.32 3.22
CA SER B 185 26.21 27.61 2.53
C SER B 185 24.81 28.23 2.52
N ARG B 186 23.76 27.41 2.39
CA ARG B 186 22.41 27.95 2.34
C ARG B 186 22.03 28.61 3.65
N VAL B 187 22.24 27.88 4.74
CA VAL B 187 21.94 28.37 6.08
C VAL B 187 22.85 29.54 6.41
N GLY B 188 24.11 29.42 5.99
CA GLY B 188 25.07 30.48 6.23
C GLY B 188 24.47 31.72 5.62
N GLY B 189 24.02 31.59 4.38
CA GLY B 189 23.42 32.71 3.69
C GLY B 189 22.24 33.25 4.45
N LEU B 190 21.42 32.35 5.02
CA LEU B 190 20.25 32.75 5.78
C LEU B 190 20.61 33.60 6.97
N LEU B 191 21.66 33.19 7.68
CA LEU B 191 22.09 33.90 8.86
C LEU B 191 22.80 35.23 8.54
N GLY B 192 23.66 35.22 7.54
CA GLY B 192 24.40 36.42 7.21
C GLY B 192 23.78 37.40 6.22
N GLY B 193 22.72 36.98 5.55
CA GLY B 193 22.08 37.86 4.58
C GLY B 193 22.71 37.74 3.22
N LYS B 194 23.41 36.64 3.00
CA LYS B 194 24.05 36.39 1.73
C LYS B 194 23.13 35.49 0.90
N PRO B 195 23.43 35.31 -0.39
CA PRO B 195 22.61 34.47 -1.27
C PRO B 195 22.68 33.02 -0.85
N GLY B 196 23.87 32.57 -0.44
CA GLY B 196 24.05 31.20 0.00
C GLY B 196 24.15 30.22 -1.14
N VAL B 197 24.67 30.68 -2.26
CA VAL B 197 24.81 29.87 -3.45
C VAL B 197 25.97 28.89 -3.44
N THR B 198 25.84 27.86 -4.26
CA THR B 198 26.85 26.82 -4.42
C THR B 198 27.15 26.75 -5.91
N VAL B 199 28.28 27.30 -6.33
CA VAL B 199 28.65 27.28 -7.73
C VAL B 199 29.37 25.96 -8.00
N PHE B 200 29.01 25.29 -9.08
CA PHE B 200 29.64 24.02 -9.44
C PHE B 200 30.44 24.09 -10.72
N HIS B 201 31.76 23.91 -10.63
CA HIS B 201 32.62 23.91 -11.81
C HIS B 201 32.24 22.61 -12.49
N MET B 202 32.00 22.68 -13.79
CA MET B 202 31.63 21.49 -14.52
C MET B 202 32.80 21.00 -15.34
N GLY B 203 32.78 19.71 -15.68
CA GLY B 203 33.85 19.11 -16.46
C GLY B 203 33.36 18.30 -17.65
N ASP B 204 34.28 17.89 -18.52
CA ASP B 204 33.92 17.12 -19.69
C ASP B 204 33.60 15.67 -19.36
N SER B 205 33.33 15.40 -18.07
CA SER B 205 33.02 14.04 -17.61
C SER B 205 31.72 13.53 -18.18
N LYS B 206 31.69 12.26 -18.55
CA LYS B 206 30.49 11.66 -19.12
C LYS B 206 29.30 11.81 -18.18
N LYS B 207 29.56 11.69 -16.88
CA LYS B 207 28.50 11.79 -15.87
C LYS B 207 27.71 13.10 -15.90
N ALA B 208 28.28 14.12 -16.51
CA ALA B 208 27.60 15.41 -16.63
C ALA B 208 27.04 15.97 -15.32
N LEU B 209 25.74 16.34 -15.32
CA LEU B 209 25.07 16.91 -14.15
C LEU B 209 24.55 15.92 -13.11
N GLN B 210 24.79 14.63 -13.33
CA GLN B 210 24.31 13.60 -12.42
C GLN B 210 24.45 13.95 -10.92
N PRO B 211 25.65 14.40 -10.46
CA PRO B 211 25.85 14.74 -9.04
C PRO B 211 24.82 15.71 -8.49
N ILE B 212 24.42 16.68 -9.31
CA ILE B 212 23.43 17.67 -8.88
C ILE B 212 22.11 16.97 -8.63
N TYR B 213 21.59 16.33 -9.67
CA TYR B 213 20.33 15.61 -9.60
C TYR B 213 20.35 14.69 -8.38
N ASP B 214 21.49 14.05 -8.14
CA ASP B 214 21.63 13.18 -6.98
C ASP B 214 21.54 13.97 -5.69
N LEU B 215 22.26 15.08 -5.62
CA LEU B 215 22.26 15.94 -4.45
C LEU B 215 20.86 16.46 -4.12
N LEU B 216 20.06 16.72 -5.14
CA LEU B 216 18.71 17.20 -4.92
C LEU B 216 17.89 16.13 -4.22
N GLU B 217 18.16 14.88 -4.57
CA GLU B 217 17.45 13.74 -3.98
C GLU B 217 17.93 13.42 -2.57
N ASN B 218 19.13 13.89 -2.22
CA ASN B 218 19.67 13.62 -0.89
C ASN B 218 19.55 14.74 0.12
N CYS B 219 18.86 15.83 -0.23
CA CYS B 219 18.68 16.92 0.71
C CYS B 219 17.46 17.79 0.39
N ASP B 220 17.43 19.00 0.93
CA ASP B 220 16.29 19.86 0.70
C ASP B 220 16.66 21.28 0.32
N VAL B 221 17.89 21.43 -0.18
CA VAL B 221 18.36 22.73 -0.60
C VAL B 221 17.60 23.13 -1.86
N PRO B 222 17.11 24.37 -1.92
CA PRO B 222 16.37 24.90 -3.06
C PRO B 222 17.22 24.85 -4.33
N ILE B 223 16.64 24.33 -5.40
CA ILE B 223 17.36 24.24 -6.66
C ILE B 223 17.79 25.63 -7.12
N SER B 224 17.16 26.65 -6.55
CA SER B 224 17.46 28.02 -6.91
C SER B 224 18.78 28.48 -6.35
N LYS B 225 19.48 27.56 -5.67
CA LYS B 225 20.76 27.89 -5.06
C LYS B 225 21.93 27.11 -5.69
N LEU B 226 21.63 26.26 -6.64
CA LEU B 226 22.65 25.45 -7.30
C LEU B 226 23.00 25.97 -8.69
N LEU B 227 24.19 26.53 -8.84
CA LEU B 227 24.60 27.10 -10.12
C LEU B 227 25.69 26.34 -10.87
N PRO B 228 25.34 25.70 -12.00
CA PRO B 228 26.35 24.96 -12.78
C PRO B 228 27.00 25.96 -13.71
N THR B 229 28.32 26.11 -13.64
CA THR B 229 29.01 27.06 -14.51
C THR B 229 29.74 26.30 -15.60
N HIS B 230 30.25 27.02 -16.61
CA HIS B 230 30.97 26.37 -17.70
C HIS B 230 30.06 25.42 -18.50
N VAL B 231 28.76 25.49 -18.29
CA VAL B 231 27.86 24.58 -18.99
C VAL B 231 28.04 24.45 -20.49
N ASN B 232 28.72 25.41 -21.13
CA ASN B 232 28.88 25.31 -22.58
C ASN B 232 30.12 24.55 -23.04
N ARG B 233 30.88 23.99 -22.10
CA ARG B 233 32.09 23.25 -22.44
C ARG B 233 31.91 22.05 -23.38
N ASN B 234 30.80 21.32 -23.29
CA ASN B 234 30.57 20.20 -24.21
C ASN B 234 29.09 19.99 -24.43
N VAL B 235 28.75 19.60 -25.67
CA VAL B 235 27.37 19.43 -26.10
C VAL B 235 26.42 18.63 -25.24
N PRO B 236 26.79 17.41 -24.85
CA PRO B 236 25.88 16.62 -24.02
C PRO B 236 25.53 17.26 -22.66
N LEU B 237 26.47 18.07 -22.16
CA LEU B 237 26.32 18.76 -20.88
C LEU B 237 25.40 19.97 -21.06
N PHE B 238 25.65 20.76 -22.08
CA PHE B 238 24.84 21.93 -22.34
C PHE B 238 23.36 21.57 -22.46
N GLU B 239 23.09 20.41 -23.08
CA GLU B 239 21.71 19.98 -23.24
C GLU B 239 21.08 19.56 -21.91
N GLN B 240 21.89 19.07 -20.98
CA GLN B 240 21.35 18.69 -19.68
C GLN B 240 21.17 19.97 -18.90
N ALA B 241 22.02 20.95 -19.18
CA ALA B 241 21.97 22.23 -18.48
C ALA B 241 20.60 22.85 -18.71
N LEU B 242 20.17 22.84 -19.97
CA LEU B 242 18.88 23.39 -20.36
C LEU B 242 17.81 22.67 -19.55
N GLU B 243 17.86 21.34 -19.58
CA GLU B 243 16.90 20.55 -18.85
C GLU B 243 16.89 20.91 -17.37
N PHE B 244 18.06 21.30 -16.84
CA PHE B 244 18.20 21.69 -15.44
C PHE B 244 17.54 23.05 -15.26
N ALA B 245 17.69 23.86 -16.30
CA ALA B 245 17.13 25.20 -16.33
C ALA B 245 15.61 25.12 -16.44
N ARG B 246 15.12 24.14 -17.17
CA ARG B 246 13.68 23.98 -17.33
C ARG B 246 13.03 23.60 -16.00
N LYS B 247 13.76 22.91 -15.14
CA LYS B 247 13.22 22.52 -13.84
C LYS B 247 13.27 23.66 -12.85
N GLY B 248 13.66 24.83 -13.31
CA GLY B 248 13.71 26.00 -12.44
C GLY B 248 15.06 26.47 -11.96
N GLY B 249 16.14 25.92 -12.51
CA GLY B 249 17.47 26.33 -12.09
C GLY B 249 18.10 27.37 -12.99
N THR B 250 19.10 28.07 -12.47
CA THR B 250 19.81 29.09 -13.24
C THR B 250 21.15 28.50 -13.70
N ILE B 251 21.54 28.76 -14.95
CA ILE B 251 22.80 28.24 -15.48
C ILE B 251 23.76 29.36 -15.90
N ASP B 252 25.02 29.20 -15.53
CA ASP B 252 26.08 30.16 -15.82
C ASP B 252 26.87 29.74 -17.06
N ILE B 253 26.88 30.59 -18.08
CA ILE B 253 27.61 30.28 -19.31
C ILE B 253 28.91 31.09 -19.38
N THR B 254 30.02 30.39 -19.55
CA THR B 254 31.33 31.01 -19.60
C THR B 254 31.63 31.52 -21.00
N SER B 255 31.85 32.82 -21.09
CA SER B 255 32.12 33.49 -22.37
C SER B 255 33.55 33.35 -22.87
N SER B 256 34.35 32.57 -22.18
CA SER B 256 35.73 32.38 -22.58
C SER B 256 35.92 31.08 -23.37
N ILE B 257 34.84 30.36 -23.60
CA ILE B 257 34.87 29.11 -24.35
C ILE B 257 34.21 29.43 -25.67
N ASP B 258 34.90 29.22 -26.80
CA ASP B 258 34.31 29.56 -28.10
C ASP B 258 33.73 28.39 -28.89
N GLU B 259 33.92 27.18 -28.37
CA GLU B 259 33.41 25.96 -29.02
C GLU B 259 33.31 24.89 -27.92
N PRO B 260 32.49 23.84 -28.12
CA PRO B 260 31.62 23.48 -29.24
C PRO B 260 30.32 24.27 -29.28
N VAL B 261 30.05 25.02 -28.22
CA VAL B 261 28.84 25.83 -28.11
C VAL B 261 29.23 27.25 -27.75
N ALA B 262 29.06 28.18 -28.68
CA ALA B 262 29.44 29.57 -28.41
C ALA B 262 28.60 30.18 -27.30
N PRO B 263 29.15 31.21 -26.62
CA PRO B 263 28.34 31.82 -25.56
C PRO B 263 27.09 32.40 -26.18
N ALA B 264 27.28 33.19 -27.24
CA ALA B 264 26.15 33.81 -27.93
C ALA B 264 25.14 32.73 -28.36
N GLU B 265 25.66 31.70 -29.03
CA GLU B 265 24.85 30.58 -29.51
C GLU B 265 24.13 29.96 -28.32
N GLY B 266 24.91 29.71 -27.27
CA GLY B 266 24.39 29.12 -26.06
C GLY B 266 23.19 29.85 -25.51
N ILE B 267 23.34 31.14 -25.25
CA ILE B 267 22.24 31.91 -24.69
C ILE B 267 20.99 31.83 -25.56
N ALA B 268 21.13 32.15 -26.84
CA ALA B 268 20.00 32.11 -27.76
C ALA B 268 19.28 30.79 -27.71
N ARG B 269 20.06 29.72 -27.84
CA ARG B 269 19.52 28.36 -27.84
C ARG B 269 18.68 28.07 -26.60
N ALA B 270 18.97 28.76 -25.50
CA ALA B 270 18.24 28.57 -24.24
C ALA B 270 16.90 29.28 -24.26
N VAL B 271 16.87 30.45 -24.89
CA VAL B 271 15.65 31.21 -24.98
C VAL B 271 14.71 30.43 -25.88
N GLN B 272 15.22 30.03 -27.04
CA GLN B 272 14.41 29.27 -28.00
C GLN B 272 13.87 28.02 -27.29
N ALA B 273 14.66 27.51 -26.35
CA ALA B 273 14.27 26.33 -25.59
C ALA B 273 13.11 26.65 -24.67
N GLY B 274 12.97 27.92 -24.31
CA GLY B 274 11.86 28.30 -23.45
C GLY B 274 12.25 28.71 -22.04
N ILE B 275 13.55 28.83 -21.79
CA ILE B 275 14.03 29.24 -20.48
C ILE B 275 13.94 30.75 -20.42
N PRO B 276 13.56 31.31 -19.27
CA PRO B 276 13.51 32.76 -19.30
C PRO B 276 14.94 33.26 -19.20
N LEU B 277 15.18 34.54 -19.48
CA LEU B 277 16.53 35.06 -19.39
C LEU B 277 17.02 35.24 -17.96
N ALA B 278 16.09 35.38 -17.01
CA ALA B 278 16.48 35.57 -15.62
C ALA B 278 17.16 34.34 -15.04
N ARG B 279 17.22 33.26 -15.80
CA ARG B 279 17.85 32.05 -15.33
C ARG B 279 19.13 31.79 -16.12
N VAL B 280 19.48 32.71 -17.01
CA VAL B 280 20.69 32.57 -17.76
C VAL B 280 21.62 33.71 -17.39
N THR B 281 22.88 33.39 -17.18
CA THR B 281 23.85 34.40 -16.83
C THR B 281 25.13 34.10 -17.59
N LEU B 282 25.91 35.13 -17.85
CA LEU B 282 27.16 34.98 -18.57
C LEU B 282 28.29 35.36 -17.62
N SER B 283 29.28 34.49 -17.46
CA SER B 283 30.41 34.79 -16.59
C SER B 283 31.61 34.83 -17.53
N SER B 284 32.74 35.37 -17.06
CA SER B 284 33.94 35.47 -17.91
C SER B 284 35.01 34.43 -17.60
N ASP B 285 35.24 34.21 -16.33
CA ASP B 285 36.26 33.29 -15.85
C ASP B 285 37.58 33.96 -16.10
N GLY B 286 37.61 35.26 -15.82
CA GLY B 286 38.80 36.04 -16.02
C GLY B 286 40.04 35.45 -15.38
N ASN B 287 41.19 35.89 -15.87
CA ASN B 287 42.50 35.44 -15.39
C ASN B 287 42.59 33.98 -14.98
N GLY B 288 41.66 33.16 -15.45
CA GLY B 288 41.71 31.75 -15.13
C GLY B 288 42.55 31.11 -16.22
N SER B 289 42.82 29.81 -16.10
CA SER B 289 43.60 29.13 -17.11
C SER B 289 42.70 28.43 -18.11
N GLN B 290 43.16 28.36 -19.37
CA GLN B 290 42.39 27.68 -20.41
C GLN B 290 43.23 26.45 -20.77
N PRO B 291 43.23 25.44 -19.91
CA PRO B 291 44.01 24.24 -20.19
C PRO B 291 43.14 23.22 -20.87
N PHE B 292 43.72 22.46 -21.78
CA PHE B 292 42.98 21.43 -22.47
C PHE B 292 43.65 20.09 -22.25
N PHE B 293 42.87 19.00 -22.25
CA PHE B 293 43.45 17.67 -22.05
C PHE B 293 43.03 16.67 -23.12
N ASP B 294 43.93 15.77 -23.50
CA ASP B 294 43.63 14.77 -24.51
C ASP B 294 42.71 13.65 -24.01
N ASP B 295 43.16 12.41 -24.09
CA ASP B 295 42.34 11.27 -23.65
C ASP B 295 42.94 10.51 -22.47
N GLU B 296 44.20 10.78 -22.14
CA GLU B 296 44.87 10.13 -21.03
C GLU B 296 45.05 11.13 -19.89
N GLY B 297 44.29 12.23 -19.94
CA GLY B 297 44.39 13.25 -18.91
C GLY B 297 45.64 14.10 -19.03
N ASN B 298 46.25 14.09 -20.21
CA ASN B 298 47.47 14.84 -20.49
C ASN B 298 47.19 16.26 -20.91
N LEU B 299 47.84 17.22 -20.26
CA LEU B 299 47.64 18.61 -20.61
C LEU B 299 48.48 18.88 -21.87
N THR B 300 47.85 19.50 -22.86
CA THR B 300 48.53 19.79 -24.11
C THR B 300 48.86 21.29 -24.23
N HIS B 301 47.81 22.11 -24.13
CA HIS B 301 47.98 23.56 -24.23
C HIS B 301 47.46 24.22 -22.94
N ILE B 302 47.82 25.48 -22.75
CA ILE B 302 47.36 26.25 -21.60
C ILE B 302 47.55 27.74 -21.88
N GLY B 303 46.66 28.56 -21.33
CA GLY B 303 46.73 29.98 -21.52
C GLY B 303 45.91 30.75 -20.49
N VAL B 304 45.58 32.00 -20.81
CA VAL B 304 44.80 32.80 -19.89
C VAL B 304 43.54 33.37 -20.53
N ALA B 305 42.48 33.47 -19.74
CA ALA B 305 41.21 34.00 -20.21
C ALA B 305 41.17 35.49 -19.92
N GLY B 306 40.65 36.25 -20.88
CA GLY B 306 40.55 37.68 -20.71
C GLY B 306 39.09 38.07 -20.55
N PHE B 307 38.82 39.36 -20.43
CA PHE B 307 37.45 39.82 -20.28
C PHE B 307 36.81 40.31 -21.57
N GLU B 308 37.62 40.61 -22.59
CA GLU B 308 37.05 41.11 -23.83
C GLU B 308 35.83 40.31 -24.31
N THR B 309 35.79 39.03 -23.98
CA THR B 309 34.69 38.20 -24.42
C THR B 309 33.29 38.47 -23.84
N LEU B 310 33.17 39.36 -22.87
CA LEU B 310 31.85 39.65 -22.33
C LEU B 310 31.07 40.51 -23.33
N LEU B 311 31.61 41.68 -23.62
CA LEU B 311 30.98 42.61 -24.56
C LEU B 311 30.76 41.93 -25.90
N GLU B 312 31.77 41.22 -26.39
CA GLU B 312 31.67 40.56 -27.68
C GLU B 312 30.36 39.79 -27.78
N THR B 313 30.10 38.93 -26.79
CA THR B 313 28.89 38.12 -26.78
C THR B 313 27.66 38.99 -26.94
N VAL B 314 27.64 40.08 -26.20
CA VAL B 314 26.54 41.03 -26.24
C VAL B 314 26.34 41.57 -27.66
N GLN B 315 27.45 41.91 -28.32
CA GLN B 315 27.43 42.42 -29.69
C GLN B 315 26.94 41.31 -30.61
N VAL B 316 27.50 40.12 -30.47
CA VAL B 316 27.15 38.97 -31.29
C VAL B 316 25.72 38.55 -31.05
N LEU B 317 25.06 39.17 -30.08
CA LEU B 317 23.68 38.82 -29.79
C LEU B 317 22.75 39.72 -30.57
N VAL B 318 22.98 41.03 -30.45
CA VAL B 318 22.19 42.01 -31.16
C VAL B 318 22.23 41.65 -32.63
N LYS B 319 23.44 41.51 -33.17
CA LYS B 319 23.60 41.13 -34.55
C LYS B 319 23.61 39.60 -34.52
N ASP B 320 23.59 38.98 -35.68
CA ASP B 320 23.64 37.52 -35.74
C ASP B 320 22.48 36.74 -35.13
N TYR B 321 22.15 37.00 -33.89
CA TYR B 321 21.06 36.23 -33.31
C TYR B 321 19.79 37.05 -33.14
N ASP B 322 19.76 38.15 -33.84
CA ASP B 322 18.63 39.08 -33.85
C ASP B 322 17.91 39.27 -32.50
N PHE B 323 18.67 39.75 -31.52
CA PHE B 323 18.16 40.04 -30.18
C PHE B 323 17.96 41.53 -30.06
N SER B 324 17.51 41.96 -28.88
CA SER B 324 17.32 43.38 -28.63
C SER B 324 18.44 43.80 -27.67
N ILE B 325 19.00 44.99 -27.89
CA ILE B 325 20.07 45.47 -27.03
C ILE B 325 19.69 45.25 -25.58
N SER B 326 18.39 45.25 -25.31
CA SER B 326 17.85 45.06 -23.97
C SER B 326 17.98 43.63 -23.45
N ASP B 327 17.33 42.67 -24.12
CA ASP B 327 17.43 41.28 -23.71
C ASP B 327 18.89 40.83 -23.64
N ALA B 328 19.68 41.31 -24.60
CA ALA B 328 21.10 40.96 -24.68
C ALA B 328 21.93 41.44 -23.51
N LEU B 329 21.46 42.48 -22.84
CA LEU B 329 22.18 43.01 -21.71
C LEU B 329 21.90 42.25 -20.42
N ARG B 330 20.68 41.76 -20.30
CA ARG B 330 20.22 41.08 -19.10
C ARG B 330 21.16 40.03 -18.48
N PRO B 331 21.66 39.08 -19.27
CA PRO B 331 22.55 38.04 -18.74
C PRO B 331 23.82 38.48 -18.02
N LEU B 332 24.14 39.76 -18.05
CA LEU B 332 25.33 40.25 -17.39
C LEU B 332 24.97 41.28 -16.35
N THR B 333 23.68 41.63 -16.32
CA THR B 333 23.20 42.64 -15.42
C THR B 333 22.09 42.22 -14.48
N SER B 334 20.85 42.45 -14.90
CA SER B 334 19.66 42.12 -14.09
C SER B 334 19.49 40.66 -13.73
N SER B 335 19.96 39.77 -14.59
CA SER B 335 19.83 38.36 -14.28
C SER B 335 20.76 38.01 -13.14
N VAL B 336 22.03 38.33 -13.30
CA VAL B 336 23.04 38.05 -12.28
C VAL B 336 22.70 38.75 -10.98
N ALA B 337 22.21 39.98 -11.07
CA ALA B 337 21.87 40.73 -9.88
C ALA B 337 20.77 40.04 -9.11
N GLY B 338 19.88 39.35 -9.81
CA GLY B 338 18.78 38.68 -9.15
C GLY B 338 19.12 37.32 -8.55
N PHE B 339 20.09 36.65 -9.15
CA PHE B 339 20.47 35.34 -8.65
C PHE B 339 21.30 35.42 -7.38
N LEU B 340 22.15 36.44 -7.29
CA LEU B 340 23.00 36.63 -6.12
C LEU B 340 22.44 37.69 -5.19
N ASN B 341 21.18 38.05 -5.39
CA ASN B 341 20.54 39.05 -4.56
C ASN B 341 21.33 40.33 -4.30
N LEU B 342 22.13 40.76 -5.27
CA LEU B 342 22.90 41.97 -5.08
C LEU B 342 21.99 43.18 -5.23
N THR B 343 21.82 43.96 -4.16
CA THR B 343 20.97 45.14 -4.21
C THR B 343 21.77 46.36 -4.65
N GLY B 344 21.08 47.31 -5.28
CA GLY B 344 21.75 48.51 -5.77
C GLY B 344 22.49 48.21 -7.06
N LYS B 345 22.39 46.96 -7.52
CA LYS B 345 23.06 46.52 -8.75
C LYS B 345 22.12 45.93 -9.79
N GLY B 346 22.58 45.90 -11.03
CA GLY B 346 21.80 45.30 -12.09
C GLY B 346 20.75 46.14 -12.79
N GLU B 347 20.15 47.08 -12.10
CA GLU B 347 19.13 47.92 -12.69
C GLU B 347 19.32 49.40 -12.43
N ILE B 348 19.02 50.23 -13.44
CA ILE B 348 19.13 51.67 -13.31
C ILE B 348 17.79 52.29 -12.97
N LEU B 349 17.64 52.68 -11.71
CA LEU B 349 16.44 53.31 -11.22
C LEU B 349 16.78 53.96 -9.88
N PRO B 350 15.98 54.95 -9.45
CA PRO B 350 16.25 55.63 -8.18
C PRO B 350 16.55 54.68 -7.04
N GLY B 351 17.65 54.94 -6.35
CA GLY B 351 18.04 54.11 -5.22
C GLY B 351 19.24 53.21 -5.43
N ASN B 352 19.49 52.77 -6.66
CA ASN B 352 20.61 51.90 -6.91
C ASN B 352 21.91 52.64 -7.20
N ASP B 353 23.02 51.91 -7.16
CA ASP B 353 24.34 52.48 -7.39
C ASP B 353 24.55 52.98 -8.79
N ALA B 354 25.36 54.03 -8.92
CA ALA B 354 25.65 54.64 -10.21
C ALA B 354 26.70 53.83 -10.95
N ASP B 355 26.37 52.58 -11.24
CA ASP B 355 27.27 51.71 -11.97
C ASP B 355 26.76 51.86 -13.40
N LEU B 356 27.39 52.74 -14.15
CA LEU B 356 26.94 53.01 -15.51
C LEU B 356 28.02 52.88 -16.58
N LEU B 357 27.55 52.55 -17.78
CA LEU B 357 28.40 52.39 -18.95
C LEU B 357 27.86 53.23 -20.09
N VAL B 358 28.74 53.96 -20.74
CA VAL B 358 28.35 54.79 -21.87
C VAL B 358 29.01 54.15 -23.09
N MET B 359 28.19 53.74 -24.05
CA MET B 359 28.68 53.10 -25.28
C MET B 359 28.14 53.80 -26.52
N THR B 360 28.79 53.56 -27.66
CA THR B 360 28.37 54.13 -28.93
C THR B 360 27.20 53.31 -29.43
N PRO B 361 26.45 53.81 -30.41
CA PRO B 361 25.30 53.01 -30.88
C PRO B 361 25.72 51.62 -31.30
N GLU B 362 26.98 51.49 -31.67
CA GLU B 362 27.52 50.22 -32.14
C GLU B 362 28.02 49.34 -31.01
N LEU B 363 27.74 49.76 -29.78
CA LEU B 363 28.12 49.04 -28.57
C LEU B 363 29.63 48.93 -28.32
N ARG B 364 30.29 50.09 -28.22
CA ARG B 364 31.72 50.17 -27.95
C ARG B 364 31.80 51.02 -26.69
N ILE B 365 32.40 50.47 -25.63
CA ILE B 365 32.50 51.20 -24.37
C ILE B 365 33.34 52.46 -24.46
N GLU B 366 32.76 53.59 -24.04
CA GLU B 366 33.44 54.88 -24.09
C GLU B 366 33.69 55.42 -22.69
N GLN B 367 32.72 55.22 -21.79
CA GLN B 367 32.83 55.69 -20.41
C GLN B 367 32.28 54.67 -19.44
N VAL B 368 32.85 54.61 -18.26
CA VAL B 368 32.39 53.67 -17.24
C VAL B 368 32.37 54.37 -15.91
N TYR B 369 31.18 54.47 -15.32
CA TYR B 369 31.04 55.09 -14.02
C TYR B 369 30.86 53.96 -13.00
N ALA B 370 31.61 54.04 -11.90
CA ALA B 370 31.51 53.02 -10.89
C ALA B 370 31.11 53.64 -9.57
N ARG B 371 29.87 53.42 -9.19
CA ARG B 371 29.38 53.96 -7.94
C ARG B 371 29.65 55.46 -7.95
N GLY B 372 29.52 56.07 -9.13
CA GLY B 372 29.72 57.50 -9.24
C GLY B 372 31.05 57.99 -9.80
N LYS B 373 32.16 57.46 -9.27
CA LYS B 373 33.47 57.87 -9.74
C LYS B 373 33.67 57.45 -11.19
N LEU B 374 34.22 58.37 -11.98
CA LEU B 374 34.51 58.12 -13.38
C LEU B 374 35.75 57.22 -13.42
N MET B 375 35.58 56.01 -13.96
CA MET B 375 36.67 55.04 -14.04
C MET B 375 37.29 54.88 -15.42
N VAL B 376 36.47 55.04 -16.46
CA VAL B 376 36.97 54.88 -17.82
C VAL B 376 36.52 56.01 -18.74
N LYS B 377 37.46 56.56 -19.49
CA LYS B 377 37.13 57.67 -20.38
C LYS B 377 37.64 57.41 -21.80
N ASP B 378 36.82 57.75 -22.78
CA ASP B 378 37.21 57.57 -24.17
C ASP B 378 37.72 56.18 -24.50
N GLY B 379 37.25 55.18 -23.76
CA GLY B 379 37.67 53.82 -24.05
C GLY B 379 38.91 53.32 -23.33
N LYS B 380 39.61 54.21 -22.63
CA LYS B 380 40.79 53.83 -21.89
C LYS B 380 40.57 54.18 -20.43
N ALA B 381 40.99 53.30 -19.53
CA ALA B 381 40.81 53.55 -18.11
C ALA B 381 41.56 54.80 -17.67
N CYS B 382 40.93 55.59 -16.81
CA CYS B 382 41.55 56.82 -16.31
C CYS B 382 41.74 56.72 -14.81
N VAL B 383 41.61 55.51 -14.29
CA VAL B 383 41.79 55.23 -12.87
C VAL B 383 42.30 53.80 -12.77
N LYS B 384 43.59 53.63 -12.54
CA LYS B 384 44.15 52.28 -12.44
C LYS B 384 44.26 51.87 -10.98
N GLY B 385 44.80 50.68 -10.73
CA GLY B 385 44.95 50.19 -9.36
C GLY B 385 45.81 51.08 -8.47
N THR B 386 46.58 50.46 -7.57
CA THR B 386 47.43 51.25 -6.70
C THR B 386 48.87 50.99 -7.09
N PHE B 387 49.11 49.84 -7.71
CA PHE B 387 50.44 49.49 -8.14
C PHE B 387 50.51 48.92 -9.57
N GLU B 388 49.65 49.41 -10.46
CA GLU B 388 49.63 48.93 -11.84
C GLU B 388 50.84 49.35 -12.71
ZN ZN C . -29.86 -46.52 20.20
ZN ZN D . -32.66 -48.95 20.63
O1 AE1 E . -28.34 -48.68 25.46
C3 AE1 E . -27.64 -48.65 24.33
O2 AE1 E . -26.42 -48.65 24.30
C2 AE1 E . -28.44 -48.63 23.07
C1 AE1 E . -28.59 -50.02 22.41
N AE1 E . -27.27 -50.53 22.01
P AE1 E . -29.56 -49.97 20.83
O1P AE1 E . -29.34 -48.61 20.29
O2P AE1 E . -31.10 -50.13 21.10
C8 AE1 E . -28.97 -51.11 19.50
C6 AE1 E . -29.76 -52.42 19.17
C7 AE1 E . -30.29 -53.07 20.44
O4 AE1 E . -31.46 -53.75 20.29
O3 AE1 E . -29.71 -52.96 21.53
C5 AE1 E . -28.85 -53.48 18.46
C16 AE1 E . -29.54 -54.56 17.52
C17 AE1 E . -28.40 -55.50 16.96
C18 AE1 E . -30.29 -53.96 16.30
ZN ZN F . 36.92 29.41 -12.93
ZN ZN G . 35.95 25.84 -13.33
O1 AE1 H . 41.97 26.94 -11.19
C3 AE1 H . 41.75 27.81 -12.16
O2 AE1 H . 42.60 28.58 -12.56
C2 AE1 H . 40.38 27.79 -12.76
C1 AE1 H . 40.31 26.97 -14.09
N AE1 H . 41.17 27.60 -15.11
P AE1 H . 38.61 26.99 -14.84
O1P AE1 H . 38.01 28.26 -14.40
O2P AE1 H . 37.72 25.81 -14.26
C8 AE1 H . 38.56 27.05 -16.68
C6 AE1 H . 38.21 25.78 -17.51
C7 AE1 H . 38.81 24.54 -16.89
O4 AE1 H . 38.11 23.40 -17.07
O3 AE1 H . 39.89 24.57 -16.26
C5 AE1 H . 38.74 25.89 -18.98
C16 AE1 H . 38.01 25.05 -20.11
C17 AE1 H . 38.77 25.31 -21.47
C18 AE1 H . 36.52 25.45 -20.33
#